data_3F7Z
#
_entry.id   3F7Z
#
_cell.length_a   67.622
_cell.length_b   117.230
_cell.length_c   67.351
_cell.angle_alpha   90.000
_cell.angle_beta   102.710
_cell.angle_gamma   90.000
#
_symmetry.space_group_name_H-M   'P 1 21 1'
#
loop_
_entity.id
_entity.type
_entity.pdbx_description
1 polymer 'Glycogen synthase kinase-3 beta'
2 non-polymer 2-(1,3-benzodioxol-5-yl)-5-[(3-fluoro-4-methoxybenzyl)sulfanyl]-1,3,4-oxadiazole
3 water water
#
_entity_poly.entity_id   1
_entity_poly.type   'polypeptide(L)'
_entity_poly.pdbx_seq_one_letter_code
;LSKVTTVVATPGQGPDRPQEVSYTDTKVIGNGSFGVVYQAKLCDSGELVAIKKVLQDKRFKNRELQIMRKLDHCNIVRLR
YFFYSSGEKKDEVYLNLVLDYVPETVYRVARHYSRAKQTLPVIYVKLYMYQLFRSLAYIHSFGICHRDIKPQNLLLDPDT
AVLKLCDFGSAKQLVRGEPNVS(PTR)ICSRYYRAPELIFGATDYTSSIDVWSAGCVLAELLLGQPIFPGDSGVDQLVEI
IKVLGTPTREQIREMNPNYTEFKFPQIKAHPWTKVFRPRTPPEAIALCSRLLEYTPTARLTPLEACAHSFFDELRDPNVK
LPNGRDTPALFNFTTQELSSNPPLATILIPPHAR
;
_entity_poly.pdbx_strand_id   A,B
#
loop_
_chem_comp.id
_chem_comp.type
_chem_comp.name
_chem_comp.formula
34O non-polymer 2-(1,3-benzodioxol-5-yl)-5-[(3-fluoro-4-methoxybenzyl)sulfanyl]-1,3,4-oxadiazole 'C17 H13 F N2 O4 S'
#
# COMPACT_ATOMS: atom_id res chain seq x y z
N LEU A 1 -7.62 18.11 22.25
CA LEU A 1 -8.98 18.71 22.47
C LEU A 1 -8.94 20.00 23.29
N SER A 2 -9.18 19.89 24.60
CA SER A 2 -9.21 21.06 25.49
C SER A 2 -7.82 21.40 26.01
N LYS A 3 -6.95 20.38 26.10
CA LYS A 3 -5.59 20.56 26.58
C LYS A 3 -4.85 21.51 25.67
N VAL A 4 -4.06 22.40 26.28
CA VAL A 4 -3.23 23.33 25.55
C VAL A 4 -1.80 22.79 25.55
N THR A 5 -1.25 22.59 24.36
CA THR A 5 0.13 22.14 24.24
C THR A 5 1.03 23.30 23.89
N THR A 6 2.12 23.47 24.65
CA THR A 6 3.12 24.49 24.37
C THR A 6 4.46 23.83 24.09
N VAL A 7 5.01 24.13 22.93
CA VAL A 7 6.31 23.59 22.56
C VAL A 7 7.22 24.70 22.16
N VAL A 8 8.51 24.37 22.08
CA VAL A 8 9.50 25.30 21.57
C VAL A 8 9.81 24.82 20.17
N ALA A 9 9.25 25.54 19.22
CA ALA A 9 9.30 25.17 17.81
C ALA A 9 10.14 26.16 16.98
N THR A 10 10.82 25.63 15.97
CA THR A 10 11.70 26.43 15.12
C THR A 10 10.97 26.83 13.85
N PRO A 11 10.93 28.13 13.55
CA PRO A 11 10.37 28.60 12.27
C PRO A 11 10.82 27.77 11.07
N GLY A 12 9.88 27.46 10.20
CA GLY A 12 10.16 26.61 9.05
C GLY A 12 11.14 27.22 8.08
N GLN A 13 10.99 28.51 7.81
CA GLN A 13 11.84 29.16 6.80
C GLN A 13 12.82 30.14 7.40
N GLY A 14 12.42 30.80 8.48
CA GLY A 14 13.22 31.85 9.07
C GLY A 14 14.58 31.42 9.58
N PRO A 15 15.30 32.34 10.23
CA PRO A 15 16.53 31.99 10.95
C PRO A 15 16.20 30.95 12.02
N ASP A 16 17.19 30.15 12.42
CA ASP A 16 16.98 29.12 13.45
C ASP A 16 16.82 29.75 14.82
N ARG A 17 15.66 30.35 15.06
CA ARG A 17 15.37 30.99 16.34
C ARG A 17 14.03 30.49 16.89
N PRO A 18 14.07 29.49 17.74
CA PRO A 18 12.86 28.85 18.26
C PRO A 18 11.91 29.75 19.02
N GLN A 19 10.61 29.50 18.89
CA GLN A 19 9.60 30.26 19.62
C GLN A 19 8.74 29.30 20.39
N GLU A 20 8.07 29.83 21.39
CA GLU A 20 7.04 29.09 22.09
C GLU A 20 5.82 29.15 21.21
N VAL A 21 5.21 28.01 21.00
CA VAL A 21 4.03 27.90 20.17
C VAL A 21 3.04 27.07 20.97
N SER A 22 1.85 27.63 21.13
CA SER A 22 0.79 26.94 21.84
C SER A 22 -0.30 26.55 20.86
N TYR A 23 -0.76 25.32 20.95
CA TYR A 23 -1.85 24.88 20.09
C TYR A 23 -2.85 24.04 20.84
N THR A 24 -4.07 23.98 20.31
CA THR A 24 -5.14 23.28 20.98
C THR A 24 -6.13 22.67 19.99
N ASP A 25 -7.15 21.96 20.50
CA ASP A 25 -8.14 21.22 19.69
C ASP A 25 -7.47 20.13 18.86
N THR A 26 -6.44 19.51 19.46
CA THR A 26 -5.63 18.51 18.79
C THR A 26 -6.38 17.18 18.60
N LYS A 27 -6.48 16.77 17.34
CA LYS A 27 -7.07 15.49 16.99
C LYS A 27 -6.28 14.85 15.85
N VAL A 28 -6.15 13.53 15.89
CA VAL A 28 -5.51 12.85 14.76
C VAL A 28 -6.48 12.84 13.57
N ILE A 29 -5.94 13.08 12.37
CA ILE A 29 -6.75 13.09 11.15
C ILE A 29 -6.24 12.07 10.12
N GLY A 30 -5.01 11.60 10.34
CA GLY A 30 -4.42 10.55 9.54
C GLY A 30 -3.38 9.80 10.37
N ASN A 31 -3.27 8.50 10.11
CA ASN A 31 -2.39 7.60 10.86
C ASN A 31 -2.04 6.46 9.92
N GLY A 32 -0.95 6.61 9.18
CA GLY A 32 -0.57 5.61 8.19
C GLY A 32 0.92 5.41 8.06
N SER A 33 1.34 5.07 6.84
CA SER A 33 2.76 4.89 6.53
C SER A 33 3.49 6.22 6.65
N PHE A 34 2.79 7.31 6.36
CA PHE A 34 3.32 8.67 6.41
C PHE A 34 3.65 9.12 7.83
N GLY A 35 3.01 8.47 8.80
CA GLY A 35 3.18 8.83 10.21
C GLY A 35 1.81 9.14 10.77
N VAL A 36 1.79 10.00 11.79
CA VAL A 36 0.54 10.45 12.37
C VAL A 36 0.36 11.92 12.00
N VAL A 37 -0.81 12.27 11.47
CA VAL A 37 -1.11 13.66 11.15
C VAL A 37 -2.23 14.12 12.07
N TYR A 38 -2.04 15.32 12.63
CA TYR A 38 -2.97 15.91 13.57
C TYR A 38 -3.55 17.18 12.98
N GLN A 39 -4.77 17.51 13.37
CA GLN A 39 -5.29 18.84 13.17
C GLN A 39 -5.21 19.52 14.55
N ALA A 40 -4.95 20.82 14.55
CA ALA A 40 -4.86 21.59 15.76
C ALA A 40 -5.17 23.05 15.43
N LYS A 41 -5.37 23.84 16.47
CA LYS A 41 -5.67 25.25 16.34
C LYS A 41 -4.59 26.01 17.10
N LEU A 42 -3.98 26.99 16.44
CA LEU A 42 -2.99 27.83 17.13
C LEU A 42 -3.71 28.74 18.11
N CYS A 43 -3.20 28.79 19.33
CA CYS A 43 -3.83 29.56 20.40
C CYS A 43 -3.94 31.05 20.11
N ASP A 44 -2.85 31.67 19.69
CA ASP A 44 -2.84 33.12 19.41
C ASP A 44 -3.77 33.59 18.29
N SER A 45 -3.64 33.00 17.11
CA SER A 45 -4.35 33.47 15.92
C SER A 45 -5.69 32.78 15.66
N GLY A 46 -5.88 31.57 16.20
CA GLY A 46 -7.08 30.81 15.94
C GLY A 46 -7.02 30.09 14.60
N GLU A 47 -5.81 29.99 14.06
CA GLU A 47 -5.59 29.36 12.77
C GLU A 47 -5.41 27.85 12.93
N LEU A 48 -6.03 27.08 12.03
CA LEU A 48 -5.89 25.64 12.03
C LEU A 48 -4.55 25.27 11.40
N VAL A 49 -3.90 24.24 11.92
CA VAL A 49 -2.68 23.69 11.34
C VAL A 49 -2.73 22.16 11.36
N ALA A 50 -1.97 21.53 10.47
CA ALA A 50 -1.79 20.09 10.54
C ALA A 50 -0.44 19.89 11.18
N ILE A 51 -0.31 18.80 11.95
CA ILE A 51 0.97 18.47 12.54
C ILE A 51 1.35 17.06 12.17
N LYS A 52 2.43 16.94 11.41
CA LYS A 52 2.91 15.63 10.98
C LYS A 52 4.00 15.19 11.95
N LYS A 53 3.81 14.00 12.50
CA LYS A 53 4.74 13.46 13.47
C LYS A 53 5.32 12.17 12.92
N VAL A 54 6.65 12.16 12.80
CA VAL A 54 7.38 11.00 12.29
C VAL A 54 8.48 10.66 13.28
N LEU A 55 8.77 9.36 13.41
CA LEU A 55 9.87 8.90 14.24
C LEU A 55 11.21 9.27 13.59
N GLN A 56 12.13 9.79 14.40
CA GLN A 56 13.44 10.19 13.90
C GLN A 56 14.57 9.38 14.54
N ASP A 57 15.57 9.06 13.73
CA ASP A 57 16.70 8.23 14.15
C ASP A 57 17.79 8.99 14.89
N LYS A 58 17.68 10.32 14.89
CA LYS A 58 18.60 11.25 15.59
C LYS A 58 20.09 11.18 15.21
N ARG A 59 20.57 9.98 14.88
CA ARG A 59 21.93 9.82 14.37
C ARG A 59 21.94 10.19 12.88
N PHE A 60 20.78 10.56 12.37
CA PHE A 60 20.58 10.89 10.96
C PHE A 60 19.72 12.14 10.78
N LYS A 61 19.97 12.90 9.73
CA LYS A 61 19.16 14.07 9.40
C LYS A 61 17.88 13.59 8.73
N ASN A 62 16.78 14.30 8.97
CA ASN A 62 15.52 14.03 8.26
C ASN A 62 15.52 14.72 6.90
N ARG A 63 15.42 13.93 5.84
CA ARG A 63 15.38 14.45 4.48
C ARG A 63 14.14 15.32 4.23
N GLU A 64 12.98 14.82 4.64
CA GLU A 64 11.74 15.56 4.46
C GLU A 64 11.86 16.98 5.05
N LEU A 65 12.44 17.09 6.24
CA LEU A 65 12.64 18.38 6.89
C LEU A 65 13.64 19.25 6.13
N GLN A 66 14.72 18.65 5.61
CA GLN A 66 15.68 19.39 4.77
C GLN A 66 14.96 20.03 3.56
N ILE A 67 14.18 19.24 2.81
CA ILE A 67 13.41 19.74 1.66
C ILE A 67 12.42 20.84 2.06
N MET A 68 11.63 20.60 3.09
CA MET A 68 10.59 21.54 3.51
C MET A 68 11.12 22.88 3.99
N ARG A 69 12.28 22.88 4.64
CA ARG A 69 12.91 24.11 5.09
C ARG A 69 13.31 25.01 3.92
N LYS A 70 13.40 24.44 2.72
CA LYS A 70 13.77 25.18 1.50
C LYS A 70 12.58 25.76 0.75
N LEU A 71 11.38 25.26 1.00
CA LEU A 71 10.28 25.61 0.11
C LEU A 71 9.37 26.70 0.62
N ASP A 72 9.01 27.60 -0.28
CA ASP A 72 8.07 28.66 0.01
C ASP A 72 7.28 28.98 -1.27
N HIS A 73 6.15 28.32 -1.43
CA HIS A 73 5.36 28.46 -2.64
C HIS A 73 3.86 28.36 -2.30
N CYS A 74 3.01 29.08 -3.03
CA CYS A 74 1.57 29.10 -2.77
C CYS A 74 0.86 27.78 -3.08
N ASN A 75 1.50 26.90 -3.83
CA ASN A 75 0.89 25.64 -4.16
C ASN A 75 1.54 24.45 -3.47
N ILE A 76 2.26 24.74 -2.39
CA ILE A 76 2.85 23.72 -1.54
C ILE A 76 2.53 24.03 -0.09
N VAL A 77 2.03 23.02 0.63
CA VAL A 77 1.75 23.12 2.06
C VAL A 77 3.00 23.68 2.72
N ARG A 78 2.86 24.80 3.43
CA ARG A 78 4.00 25.44 4.04
C ARG A 78 4.39 24.80 5.38
N LEU A 79 5.69 24.72 5.62
CA LEU A 79 6.20 24.32 6.91
C LEU A 79 6.24 25.58 7.77
N ARG A 80 5.31 25.70 8.71
CA ARG A 80 5.31 26.87 9.58
C ARG A 80 6.35 26.73 10.67
N TYR A 81 6.36 25.58 11.34
CA TYR A 81 7.32 25.31 12.39
C TYR A 81 7.69 23.83 12.43
N PHE A 82 8.81 23.52 13.05
CA PHE A 82 9.08 22.14 13.43
C PHE A 82 9.54 22.06 14.87
N PHE A 83 9.33 20.90 15.49
CA PHE A 83 9.80 20.66 16.83
C PHE A 83 9.97 19.18 17.07
N TYR A 84 10.65 18.85 18.16
CA TYR A 84 10.85 17.48 18.57
C TYR A 84 10.05 17.18 19.83
N SER A 85 9.67 15.92 19.99
CA SER A 85 8.92 15.47 21.15
C SER A 85 9.35 14.05 21.50
N SER A 86 9.16 13.67 22.76
CA SER A 86 9.67 12.39 23.26
C SER A 86 8.55 11.44 23.67
N GLY A 87 8.84 10.15 23.55
CA GLY A 87 7.96 9.09 24.02
C GLY A 87 8.53 8.36 25.23
N GLU A 88 8.95 7.11 25.00
CA GLU A 88 9.49 6.21 26.05
C GLU A 88 8.46 5.88 27.12
N GLU A 92 10.48 6.60 20.77
CA GLU A 92 11.29 7.51 21.57
C GLU A 92 11.25 8.95 21.05
N VAL A 93 12.07 9.26 20.04
CA VAL A 93 12.17 10.62 19.51
C VAL A 93 11.36 10.84 18.22
N TYR A 94 10.57 11.92 18.20
CA TYR A 94 9.74 12.25 17.05
C TYR A 94 10.02 13.65 16.54
N LEU A 95 9.90 13.83 15.23
CA LEU A 95 9.99 15.15 14.62
C LEU A 95 8.57 15.54 14.25
N ASN A 96 8.24 16.81 14.48
CA ASN A 96 6.87 17.26 14.29
C ASN A 96 6.89 18.42 13.33
N LEU A 97 6.19 18.28 12.21
CA LEU A 97 6.11 19.33 11.23
C LEU A 97 4.77 20.01 11.40
N VAL A 98 4.79 21.30 11.75
CA VAL A 98 3.56 22.07 11.86
C VAL A 98 3.30 22.74 10.51
N LEU A 99 2.20 22.34 9.89
CA LEU A 99 1.94 22.68 8.49
C LEU A 99 0.65 23.45 8.26
N ASP A 100 0.57 24.18 7.13
CA ASP A 100 -0.67 24.77 6.63
C ASP A 100 -1.74 23.71 6.68
N TYR A 101 -2.90 24.03 7.24
CA TYR A 101 -4.02 23.11 7.18
C TYR A 101 -4.83 23.39 5.91
N VAL A 102 -5.22 22.32 5.21
CA VAL A 102 -6.04 22.44 4.02
C VAL A 102 -7.14 21.39 4.13
N PRO A 103 -8.40 21.80 4.02
CA PRO A 103 -9.54 20.94 4.37
C PRO A 103 -9.89 19.74 3.46
N GLU A 104 -9.59 19.80 2.16
CA GLU A 104 -10.05 18.78 1.21
C GLU A 104 -8.91 18.12 0.46
N THR A 105 -9.21 17.06 -0.27
CA THR A 105 -8.25 16.47 -1.22
C THR A 105 -8.89 16.25 -2.59
N VAL A 106 -8.04 16.21 -3.62
CA VAL A 106 -8.48 15.92 -4.98
C VAL A 106 -9.06 14.52 -5.04
N TYR A 107 -8.43 13.57 -4.35
CA TYR A 107 -8.95 12.22 -4.23
C TYR A 107 -10.42 12.21 -3.80
N ARG A 108 -10.69 12.87 -2.67
CA ARG A 108 -12.02 12.93 -2.08
C ARG A 108 -12.99 13.58 -3.05
N VAL A 109 -12.56 14.68 -3.66
CA VAL A 109 -13.41 15.44 -4.59
C VAL A 109 -13.71 14.63 -5.85
N ALA A 110 -12.69 14.01 -6.45
CA ALA A 110 -12.92 13.18 -7.62
C ALA A 110 -13.87 12.02 -7.30
N ARG A 111 -13.76 11.50 -6.08
CA ARG A 111 -14.52 10.36 -5.65
C ARG A 111 -16.00 10.74 -5.44
N HIS A 112 -16.25 11.93 -4.91
CA HIS A 112 -17.62 12.40 -4.77
C HIS A 112 -18.29 12.46 -6.15
N TYR A 113 -17.61 13.08 -7.12
CA TYR A 113 -18.14 13.19 -8.47
C TYR A 113 -18.39 11.83 -9.10
N SER A 114 -17.40 10.95 -9.00
CA SER A 114 -17.50 9.60 -9.53
C SER A 114 -18.68 8.84 -8.92
N ARG A 115 -18.75 8.82 -7.58
CA ARG A 115 -19.83 8.17 -6.85
C ARG A 115 -21.20 8.70 -7.29
N ALA A 116 -21.28 10.00 -7.54
CA ALA A 116 -22.49 10.66 -8.00
C ALA A 116 -22.72 10.54 -9.51
N LYS A 117 -21.80 9.87 -10.21
CA LYS A 117 -21.87 9.70 -11.67
C LYS A 117 -21.81 11.04 -12.39
N GLN A 118 -20.88 11.90 -11.94
CA GLN A 118 -20.67 13.21 -12.53
C GLN A 118 -19.17 13.35 -12.81
N THR A 119 -18.83 14.35 -13.62
CA THR A 119 -17.43 14.67 -13.84
C THR A 119 -17.10 16.02 -13.22
N LEU A 120 -15.86 16.15 -12.75
CA LEU A 120 -15.37 17.42 -12.27
C LEU A 120 -15.42 18.44 -13.42
N PRO A 121 -16.10 19.58 -13.20
CA PRO A 121 -16.11 20.65 -14.21
C PRO A 121 -14.70 21.01 -14.64
N VAL A 122 -14.59 21.24 -15.94
CA VAL A 122 -13.34 21.48 -16.64
C VAL A 122 -12.55 22.68 -16.12
N ILE A 123 -13.26 23.67 -15.59
CA ILE A 123 -12.64 24.83 -14.98
C ILE A 123 -11.81 24.43 -13.73
N TYR A 124 -12.32 23.49 -12.95
CA TYR A 124 -11.59 22.98 -11.79
C TYR A 124 -10.43 22.11 -12.21
N VAL A 125 -10.63 21.33 -13.26
CA VAL A 125 -9.56 20.49 -13.79
C VAL A 125 -8.40 21.39 -14.24
N LYS A 126 -8.72 22.51 -14.88
CA LYS A 126 -7.71 23.47 -15.29
C LYS A 126 -7.01 24.08 -14.09
N LEU A 127 -7.80 24.56 -13.13
CA LEU A 127 -7.29 25.20 -11.93
C LEU A 127 -6.38 24.29 -11.11
N TYR A 128 -6.86 23.06 -10.86
CA TYR A 128 -6.14 22.13 -10.02
C TYR A 128 -4.88 21.62 -10.70
N MET A 129 -4.97 21.31 -11.99
CA MET A 129 -3.81 20.81 -12.72
C MET A 129 -2.71 21.87 -12.86
N TYR A 130 -3.11 23.10 -13.17
CA TYR A 130 -2.19 24.21 -13.34
C TYR A 130 -1.34 24.42 -12.09
N GLN A 131 -2.01 24.50 -10.95
CA GLN A 131 -1.37 24.70 -9.64
C GLN A 131 -0.46 23.54 -9.23
N LEU A 132 -0.83 22.33 -9.65
CA LEU A 132 0.06 21.18 -9.46
C LEU A 132 1.32 21.37 -10.31
N PHE A 133 1.17 21.83 -11.55
CA PHE A 133 2.36 22.03 -12.37
C PHE A 133 3.27 23.13 -11.84
N ARG A 134 2.67 24.22 -11.33
CA ARG A 134 3.48 25.30 -10.75
C ARG A 134 4.27 24.75 -9.58
N SER A 135 3.62 23.94 -8.75
CA SER A 135 4.26 23.36 -7.59
C SER A 135 5.44 22.46 -7.99
N LEU A 136 5.27 21.74 -9.10
CA LEU A 136 6.32 20.88 -9.63
C LEU A 136 7.44 21.67 -10.29
N ALA A 137 7.06 22.70 -11.06
CA ALA A 137 8.06 23.58 -11.68
C ALA A 137 8.94 24.10 -10.56
N TYR A 138 8.29 24.54 -9.49
CA TYR A 138 9.01 25.06 -8.36
C TYR A 138 9.95 24.02 -7.72
N ILE A 139 9.44 22.85 -7.33
CA ILE A 139 10.29 21.87 -6.65
C ILE A 139 11.36 21.29 -7.57
N HIS A 140 11.00 21.05 -8.83
CA HIS A 140 11.97 20.57 -9.84
C HIS A 140 13.10 21.57 -10.06
N SER A 141 12.83 22.85 -9.81
CA SER A 141 13.88 23.87 -9.95
C SER A 141 15.02 23.73 -8.91
N PHE A 142 14.78 22.97 -7.83
CA PHE A 142 15.82 22.66 -6.85
C PHE A 142 16.41 21.28 -7.09
N GLY A 143 15.87 20.58 -8.09
CA GLY A 143 16.31 19.24 -8.37
C GLY A 143 15.61 18.27 -7.44
N ILE A 144 14.54 18.75 -6.80
CA ILE A 144 13.74 17.95 -5.89
C ILE A 144 12.58 17.33 -6.65
N CYS A 145 12.49 16.01 -6.54
CA CYS A 145 11.43 15.24 -7.12
C CYS A 145 10.52 14.74 -5.99
N HIS A 146 9.22 15.03 -6.12
CA HIS A 146 8.23 14.64 -5.11
C HIS A 146 8.14 13.12 -4.96
N ARG A 147 8.04 12.42 -6.09
CA ARG A 147 8.01 10.95 -6.12
C ARG A 147 6.78 10.30 -5.49
N ASP A 148 5.73 11.07 -5.22
CA ASP A 148 4.48 10.48 -4.74
C ASP A 148 3.30 11.37 -5.14
N ILE A 149 3.31 11.79 -6.40
CA ILE A 149 2.23 12.60 -6.94
C ILE A 149 1.05 11.67 -7.19
N LYS A 150 -0.02 11.91 -6.46
CA LYS A 150 -1.25 11.15 -6.53
C LYS A 150 -2.37 12.01 -5.91
N PRO A 151 -3.62 11.78 -6.29
CA PRO A 151 -4.74 12.62 -5.84
C PRO A 151 -4.84 12.80 -4.32
N GLN A 152 -4.41 11.82 -3.53
CA GLN A 152 -4.41 11.90 -2.07
C GLN A 152 -3.48 12.98 -1.53
N ASN A 153 -2.43 13.30 -2.29
CA ASN A 153 -1.42 14.27 -1.89
C ASN A 153 -1.65 15.67 -2.47
N LEU A 154 -2.81 15.85 -3.11
CA LEU A 154 -3.23 17.17 -3.59
C LEU A 154 -4.33 17.72 -2.70
N LEU A 155 -3.99 18.70 -1.87
CA LEU A 155 -4.96 19.27 -0.95
C LEU A 155 -5.71 20.43 -1.60
N LEU A 156 -7.00 20.53 -1.27
CA LEU A 156 -7.87 21.56 -1.86
C LEU A 156 -8.58 22.37 -0.83
N ASP A 157 -8.65 23.66 -1.10
CA ASP A 157 -9.58 24.53 -0.39
C ASP A 157 -10.69 24.84 -1.42
N PRO A 158 -11.81 24.12 -1.32
CA PRO A 158 -12.92 24.25 -2.29
C PRO A 158 -13.47 25.67 -2.48
N ASP A 159 -13.44 26.49 -1.42
CA ASP A 159 -13.91 27.88 -1.46
C ASP A 159 -13.05 28.83 -2.31
N THR A 160 -11.73 28.59 -2.37
CA THR A 160 -10.82 29.48 -3.10
C THR A 160 -10.23 28.84 -4.36
N ALA A 161 -10.44 27.52 -4.49
CA ALA A 161 -9.86 26.70 -5.54
C ALA A 161 -8.35 26.59 -5.43
N VAL A 162 -7.80 26.86 -4.24
CA VAL A 162 -6.36 26.71 -4.06
C VAL A 162 -6.06 25.22 -3.92
N LEU A 163 -5.04 24.78 -4.66
CA LEU A 163 -4.50 23.44 -4.51
C LEU A 163 -3.10 23.56 -3.92
N LYS A 164 -2.82 22.72 -2.94
CA LYS A 164 -1.48 22.66 -2.35
C LYS A 164 -0.93 21.23 -2.33
N LEU A 165 0.27 21.07 -2.87
CA LEU A 165 1.00 19.81 -2.83
C LEU A 165 1.46 19.51 -1.41
N CYS A 166 1.23 18.27 -0.97
CA CYS A 166 1.67 17.85 0.36
C CYS A 166 2.35 16.48 0.35
N ASP A 167 2.92 16.10 1.50
CA ASP A 167 3.63 14.82 1.72
C ASP A 167 4.96 14.69 0.97
N PHE A 168 5.99 15.29 1.55
CA PHE A 168 7.33 15.23 0.99
C PHE A 168 8.19 14.15 1.61
N GLY A 169 7.51 13.18 2.25
CA GLY A 169 8.16 12.03 2.86
C GLY A 169 8.78 11.06 1.88
N SER A 170 8.51 11.20 0.59
CA SER A 170 9.14 10.37 -0.43
C SER A 170 10.03 11.21 -1.34
N ALA A 171 10.05 12.54 -1.11
CA ALA A 171 10.79 13.48 -1.93
C ALA A 171 12.30 13.34 -1.77
N LYS A 172 13.04 13.62 -2.85
CA LYS A 172 14.48 13.54 -2.81
C LYS A 172 15.11 14.48 -3.82
N GLN A 173 16.25 15.07 -3.48
CA GLN A 173 16.98 15.84 -4.46
C GLN A 173 17.67 14.83 -5.35
N LEU A 174 17.36 14.85 -6.64
CA LEU A 174 17.92 13.91 -7.60
C LEU A 174 19.22 14.48 -8.16
N VAL A 175 20.32 13.79 -7.83
CA VAL A 175 21.63 14.19 -8.32
C VAL A 175 22.03 13.25 -9.43
N ARG A 176 22.30 13.81 -10.60
CA ARG A 176 22.70 13.01 -11.76
C ARG A 176 23.95 12.19 -11.39
N GLY A 177 23.85 10.87 -11.61
CA GLY A 177 24.91 9.95 -11.25
C GLY A 177 24.76 9.26 -9.91
N GLU A 178 23.81 9.72 -9.09
CA GLU A 178 23.48 9.05 -7.84
C GLU A 178 22.23 8.20 -8.07
N PRO A 179 22.32 6.88 -7.85
CA PRO A 179 21.20 5.98 -8.12
C PRO A 179 20.03 6.16 -7.14
N ASN A 180 18.81 5.95 -7.63
CA ASN A 180 17.61 6.07 -6.81
C ASN A 180 16.73 4.82 -6.87
N VAL A 181 15.90 4.60 -5.85
CA VAL A 181 15.06 3.41 -5.80
C VAL A 181 13.91 3.50 -6.82
N SER A 182 13.60 2.37 -7.43
CA SER A 182 12.65 2.27 -8.53
C SER A 182 11.21 2.07 -8.09
N PTR A 183 11.00 1.29 -7.03
CA PTR A 183 9.67 1.01 -6.52
C PTR A 183 9.24 2.13 -5.58
O PTR A 183 9.36 2.01 -4.35
CB PTR A 183 9.65 -0.35 -5.85
CG PTR A 183 8.26 -0.90 -5.59
CD1 PTR A 183 7.54 -1.54 -6.61
CD2 PTR A 183 7.67 -0.83 -4.32
CE1 PTR A 183 6.28 -2.07 -6.38
CE2 PTR A 183 6.39 -1.34 -4.09
CZ PTR A 183 5.70 -1.96 -5.12
OH PTR A 183 4.57 -2.45 -4.93
P PTR A 183 3.21 -1.68 -5.29
O1P PTR A 183 3.03 -1.68 -6.76
O2P PTR A 183 3.33 -0.22 -4.77
O3P PTR A 183 1.99 -2.34 -4.62
N ILE A 184 8.79 3.24 -6.16
CA ILE A 184 8.21 4.38 -5.43
C ILE A 184 7.01 4.90 -6.22
N CYS A 185 6.35 5.91 -5.69
CA CYS A 185 5.08 6.43 -6.23
C CYS A 185 4.01 5.38 -5.96
N SER A 186 2.76 5.82 -5.94
CA SER A 186 1.65 4.90 -5.86
C SER A 186 1.50 4.28 -7.23
N ARG A 187 1.17 2.98 -7.25
CA ARG A 187 1.16 2.15 -8.44
C ARG A 187 0.50 2.76 -9.67
N TYR A 188 -0.76 3.16 -9.55
CA TYR A 188 -1.51 3.68 -10.69
C TYR A 188 -0.82 4.86 -11.35
N TYR A 189 -0.04 5.59 -10.55
CA TYR A 189 0.53 6.88 -10.97
C TYR A 189 2.01 6.74 -11.27
N ARG A 190 2.49 5.49 -11.21
CA ARG A 190 3.91 5.20 -11.33
C ARG A 190 4.38 5.15 -12.78
N ALA A 191 5.40 5.95 -13.08
CA ALA A 191 6.01 6.04 -14.40
C ALA A 191 6.51 4.69 -14.92
N PRO A 192 6.48 4.50 -16.24
CA PRO A 192 6.92 3.21 -16.82
C PRO A 192 8.40 2.89 -16.55
N GLU A 193 9.28 3.89 -16.63
CA GLU A 193 10.72 3.66 -16.38
C GLU A 193 10.98 3.10 -14.98
N LEU A 194 10.11 3.45 -14.04
CA LEU A 194 10.18 2.93 -12.68
C LEU A 194 9.82 1.44 -12.66
N ILE A 195 8.66 1.09 -13.23
CA ILE A 195 8.23 -0.30 -13.40
C ILE A 195 9.31 -1.16 -14.08
N PHE A 196 10.10 -0.53 -14.96
CA PHE A 196 11.23 -1.17 -15.64
C PHE A 196 12.48 -1.28 -14.76
N GLY A 197 12.51 -0.57 -13.65
CA GLY A 197 13.63 -0.64 -12.71
C GLY A 197 14.74 0.39 -12.86
N ALA A 198 14.50 1.46 -13.62
CA ALA A 198 15.49 2.52 -13.78
C ALA A 198 15.82 3.11 -12.40
N THR A 199 17.11 3.32 -12.15
CA THR A 199 17.58 3.90 -10.90
C THR A 199 18.10 5.30 -11.19
N ASP A 200 18.22 5.61 -12.48
CA ASP A 200 18.76 6.87 -12.99
C ASP A 200 17.67 7.81 -13.52
N TYR A 201 16.45 7.62 -13.04
CA TYR A 201 15.34 8.48 -13.44
C TYR A 201 15.47 9.94 -12.98
N THR A 202 14.66 10.80 -13.60
CA THR A 202 14.69 12.22 -13.35
C THR A 202 13.34 12.68 -12.80
N SER A 203 13.22 14.00 -12.61
CA SER A 203 12.01 14.63 -12.14
C SER A 203 10.78 14.34 -13.01
N SER A 204 11.03 13.83 -14.21
CA SER A 204 9.97 13.58 -15.19
C SER A 204 8.99 12.51 -14.72
N ILE A 205 9.38 11.70 -13.75
CA ILE A 205 8.43 10.76 -13.13
C ILE A 205 7.25 11.49 -12.50
N ASP A 206 7.49 12.69 -11.96
CA ASP A 206 6.40 13.47 -11.35
C ASP A 206 5.43 13.87 -12.43
N VAL A 207 5.98 14.18 -13.61
CA VAL A 207 5.18 14.65 -14.72
C VAL A 207 4.29 13.53 -15.26
N TRP A 208 4.81 12.32 -15.35
CA TRP A 208 3.97 11.18 -15.66
C TRP A 208 2.79 11.10 -14.68
N SER A 209 3.10 11.16 -13.38
CA SER A 209 2.10 11.10 -12.32
C SER A 209 1.01 12.15 -12.50
N ALA A 210 1.41 13.40 -12.75
CA ALA A 210 0.48 14.49 -12.98
C ALA A 210 -0.42 14.19 -14.17
N GLY A 211 0.15 13.62 -15.24
CA GLY A 211 -0.63 13.16 -16.36
C GLY A 211 -1.68 12.12 -15.99
N CYS A 212 -1.30 11.18 -15.11
CA CYS A 212 -2.22 10.19 -14.58
C CYS A 212 -3.33 10.84 -13.79
N VAL A 213 -2.98 11.87 -13.01
CA VAL A 213 -3.99 12.62 -12.26
C VAL A 213 -4.94 13.32 -13.22
N LEU A 214 -4.39 14.05 -14.17
CA LEU A 214 -5.21 14.78 -15.14
C LEU A 214 -6.14 13.82 -15.86
N ALA A 215 -5.58 12.73 -16.40
CA ALA A 215 -6.37 11.72 -17.07
C ALA A 215 -7.50 11.20 -16.18
N GLU A 216 -7.19 11.01 -14.90
CA GLU A 216 -8.16 10.53 -13.93
C GLU A 216 -9.30 11.53 -13.67
N LEU A 217 -8.99 12.82 -13.64
CA LEU A 217 -10.02 13.85 -13.43
C LEU A 217 -10.97 13.93 -14.63
N LEU A 218 -10.43 13.66 -15.83
CA LEU A 218 -11.20 13.66 -17.06
C LEU A 218 -12.10 12.44 -17.23
N LEU A 219 -11.64 11.28 -16.75
CA LEU A 219 -12.33 10.02 -16.95
C LEU A 219 -13.25 9.60 -15.81
N GLY A 220 -12.93 10.04 -14.59
CA GLY A 220 -13.71 9.68 -13.42
C GLY A 220 -13.23 8.42 -12.74
N GLN A 221 -12.07 7.94 -13.17
CA GLN A 221 -11.45 6.73 -12.63
C GLN A 221 -9.98 6.72 -13.07
N PRO A 222 -9.12 5.97 -12.37
CA PRO A 222 -7.71 5.86 -12.78
C PRO A 222 -7.59 5.38 -14.22
N ILE A 223 -6.70 6.00 -14.99
CA ILE A 223 -6.47 5.58 -16.37
C ILE A 223 -5.68 4.29 -16.45
N PHE A 224 -4.79 4.07 -15.47
CA PHE A 224 -3.95 2.87 -15.45
C PHE A 224 -4.11 2.11 -14.14
N PRO A 225 -5.22 1.40 -13.96
CA PRO A 225 -5.48 0.70 -12.70
C PRO A 225 -4.85 -0.70 -12.66
N GLY A 226 -3.53 -0.73 -12.51
CA GLY A 226 -2.79 -1.98 -12.44
C GLY A 226 -3.20 -2.85 -11.26
N ASP A 227 -3.28 -4.14 -11.51
CA ASP A 227 -3.67 -5.15 -10.53
C ASP A 227 -2.53 -5.44 -9.56
N SER A 228 -1.31 -5.35 -10.07
CA SER A 228 -0.09 -5.56 -9.29
C SER A 228 0.97 -4.60 -9.80
N GLY A 229 2.13 -4.60 -9.15
CA GLY A 229 3.27 -3.82 -9.60
C GLY A 229 3.67 -4.17 -11.02
N VAL A 230 3.47 -5.44 -11.38
CA VAL A 230 3.77 -5.94 -12.72
C VAL A 230 2.64 -5.73 -13.74
N ASP A 231 1.39 -5.97 -13.33
CA ASP A 231 0.24 -5.77 -14.21
C ASP A 231 0.08 -4.29 -14.62
N GLN A 232 0.69 -3.40 -13.86
CA GLN A 232 0.65 -1.95 -14.11
C GLN A 232 1.18 -1.58 -15.49
N LEU A 233 2.30 -2.20 -15.89
CA LEU A 233 2.86 -1.98 -17.22
C LEU A 233 1.91 -2.43 -18.33
N VAL A 234 1.12 -3.46 -18.03
CA VAL A 234 0.15 -4.00 -18.99
C VAL A 234 -0.97 -2.98 -19.16
N GLU A 235 -1.44 -2.45 -18.03
CA GLU A 235 -2.49 -1.45 -18.04
C GLU A 235 -2.12 -0.23 -18.91
N ILE A 236 -0.86 0.20 -18.82
CA ILE A 236 -0.38 1.31 -19.63
C ILE A 236 -0.35 0.94 -21.12
N ILE A 237 0.27 -0.20 -21.44
CA ILE A 237 0.35 -0.70 -22.82
C ILE A 237 -1.04 -0.80 -23.45
N LYS A 238 -2.01 -1.30 -22.68
CA LYS A 238 -3.40 -1.41 -23.11
C LYS A 238 -3.93 -0.08 -23.64
N VAL A 239 -3.51 1.01 -23.02
CA VAL A 239 -3.98 2.35 -23.37
C VAL A 239 -3.08 3.04 -24.42
N LEU A 240 -1.77 2.92 -24.25
CA LEU A 240 -0.83 3.69 -25.08
C LEU A 240 -0.17 2.86 -26.19
N GLY A 241 -0.36 1.55 -26.14
CA GLY A 241 0.26 0.66 -27.11
C GLY A 241 1.71 0.41 -26.78
N THR A 242 2.19 -0.75 -27.19
CA THR A 242 3.59 -1.16 -27.00
C THR A 242 4.58 -0.04 -27.31
N PRO A 243 5.55 0.16 -26.42
CA PRO A 243 6.64 1.12 -26.69
C PRO A 243 7.57 0.57 -27.75
N THR A 244 7.95 1.43 -28.71
CA THR A 244 8.97 1.06 -29.70
C THR A 244 10.27 0.77 -28.93
N ARG A 245 11.16 0.01 -29.55
CA ARG A 245 12.42 -0.35 -28.90
C ARG A 245 13.26 0.88 -28.53
N GLU A 246 13.07 1.96 -29.29
CA GLU A 246 13.70 3.24 -29.01
C GLU A 246 13.22 3.79 -27.64
N GLN A 247 11.91 3.81 -27.45
CA GLN A 247 11.29 4.19 -26.18
C GLN A 247 11.71 3.30 -25.01
N ILE A 248 11.82 1.98 -25.26
CA ILE A 248 12.23 1.06 -24.19
C ILE A 248 13.66 1.35 -23.76
N ARG A 249 14.49 1.73 -24.73
CA ARG A 249 15.86 2.08 -24.44
C ARG A 249 15.94 3.35 -23.60
N GLU A 250 15.05 4.29 -23.88
CA GLU A 250 14.92 5.55 -23.14
C GLU A 250 14.48 5.34 -21.68
N MET A 251 13.62 4.35 -21.45
CA MET A 251 13.08 4.06 -20.13
C MET A 251 14.00 3.16 -19.32
N ASN A 252 14.61 2.19 -20.00
CA ASN A 252 15.33 1.11 -19.34
C ASN A 252 16.82 1.00 -19.64
N PRO A 253 17.63 1.17 -18.60
CA PRO A 253 19.04 0.79 -18.67
C PRO A 253 19.13 -0.74 -18.65
N ASN A 254 18.71 -1.36 -19.75
CA ASN A 254 18.68 -2.82 -19.93
C ASN A 254 17.81 -3.58 -18.92
N GLN A 262 1.25 -6.79 -27.57
CA GLN A 262 1.61 -6.25 -28.87
C GLN A 262 0.51 -5.35 -29.44
N ILE A 263 0.01 -4.42 -28.62
CA ILE A 263 -1.02 -3.47 -29.02
C ILE A 263 -0.35 -2.28 -29.70
N LYS A 264 -0.97 -1.81 -30.80
CA LYS A 264 -0.44 -0.67 -31.54
C LYS A 264 -1.04 0.65 -31.06
N ALA A 265 -0.70 1.74 -31.77
CA ALA A 265 -1.13 3.09 -31.43
C ALA A 265 -2.65 3.23 -31.32
N HIS A 266 -3.12 3.38 -30.08
CA HIS A 266 -4.54 3.54 -29.77
C HIS A 266 -4.90 5.03 -29.70
N PRO A 267 -5.72 5.50 -30.66
CA PRO A 267 -6.09 6.92 -30.76
C PRO A 267 -6.48 7.55 -29.43
N TRP A 268 -5.86 8.70 -29.14
CA TRP A 268 -6.02 9.42 -27.87
C TRP A 268 -7.45 9.93 -27.66
N THR A 269 -8.14 10.26 -28.75
CA THR A 269 -9.50 10.78 -28.69
C THR A 269 -10.60 9.71 -28.52
N LYS A 270 -10.19 8.48 -28.19
CA LYS A 270 -11.13 7.39 -27.94
C LYS A 270 -11.05 6.83 -26.50
N VAL A 271 -9.94 7.09 -25.82
CA VAL A 271 -9.77 6.68 -24.42
C VAL A 271 -10.72 7.50 -23.53
N PHE A 272 -10.80 8.79 -23.79
CA PHE A 272 -11.65 9.71 -23.04
C PHE A 272 -13.08 9.74 -23.56
N ARG A 273 -13.96 10.43 -22.84
CA ARG A 273 -15.36 10.57 -23.26
C ARG A 273 -15.46 11.53 -24.47
N PRO A 274 -16.52 11.41 -25.27
CA PRO A 274 -16.64 12.21 -26.50
C PRO A 274 -16.56 13.73 -26.32
N ARG A 275 -17.01 14.26 -25.19
CA ARG A 275 -17.09 15.71 -25.00
C ARG A 275 -15.86 16.35 -24.33
N THR A 276 -14.91 15.52 -23.90
CA THR A 276 -13.64 15.97 -23.31
C THR A 276 -12.97 17.02 -24.20
N PRO A 277 -12.53 18.15 -23.64
CA PRO A 277 -11.91 19.21 -24.45
C PRO A 277 -10.66 18.68 -25.14
N PRO A 278 -10.49 18.95 -26.44
CA PRO A 278 -9.35 18.43 -27.21
C PRO A 278 -8.00 18.88 -26.68
N GLU A 279 -7.93 20.08 -26.10
CA GLU A 279 -6.65 20.56 -25.56
C GLU A 279 -6.26 19.85 -24.26
N ALA A 280 -7.25 19.33 -23.55
CA ALA A 280 -7.04 18.51 -22.36
C ALA A 280 -6.45 17.16 -22.78
N ILE A 281 -6.97 16.60 -23.86
CA ILE A 281 -6.45 15.36 -24.39
C ILE A 281 -5.05 15.59 -24.94
N ALA A 282 -4.85 16.72 -25.61
CA ALA A 282 -3.54 17.05 -26.19
C ALA A 282 -2.47 17.26 -25.11
N LEU A 283 -2.86 17.88 -23.99
CA LEU A 283 -1.95 18.07 -22.87
C LEU A 283 -1.60 16.71 -22.29
N CYS A 284 -2.63 15.91 -22.06
CA CYS A 284 -2.49 14.56 -21.54
C CYS A 284 -1.47 13.74 -22.33
N SER A 285 -1.59 13.75 -23.66
CA SER A 285 -0.69 13.02 -24.54
C SER A 285 0.78 13.45 -24.44
N ARG A 286 1.02 14.69 -24.02
CA ARG A 286 2.39 15.19 -23.87
C ARG A 286 2.97 14.92 -22.46
N LEU A 287 2.10 14.54 -21.53
CA LEU A 287 2.53 14.13 -20.22
C LEU A 287 2.79 12.63 -20.17
N LEU A 288 1.87 11.85 -20.75
CA LEU A 288 1.98 10.38 -20.73
C LEU A 288 2.72 9.84 -21.94
N GLU A 289 3.97 10.29 -22.10
CA GLU A 289 4.89 9.81 -23.11
C GLU A 289 5.80 8.76 -22.44
N TYR A 290 6.11 7.68 -23.16
CA TYR A 290 7.04 6.67 -22.67
C TYR A 290 8.42 7.27 -22.41
N THR A 291 8.92 8.03 -23.38
CA THR A 291 10.24 8.65 -23.29
C THR A 291 10.26 9.80 -22.27
N PRO A 292 10.88 9.58 -21.11
CA PRO A 292 10.90 10.58 -20.02
C PRO A 292 11.20 12.00 -20.49
N THR A 293 12.18 12.16 -21.37
CA THR A 293 12.58 13.48 -21.87
C THR A 293 11.63 14.05 -22.94
N ALA A 294 10.66 13.26 -23.39
CA ALA A 294 9.65 13.71 -24.37
C ALA A 294 8.49 14.45 -23.69
N ARG A 295 8.31 14.17 -22.41
CA ARG A 295 7.28 14.79 -21.60
C ARG A 295 7.55 16.28 -21.43
N LEU A 296 6.48 17.06 -21.38
CA LEU A 296 6.57 18.48 -21.09
C LEU A 296 7.23 18.69 -19.75
N THR A 297 7.93 19.81 -19.60
CA THR A 297 8.37 20.21 -18.27
C THR A 297 7.12 20.75 -17.58
N PRO A 298 7.10 20.77 -16.24
CA PRO A 298 5.96 21.33 -15.51
C PRO A 298 5.70 22.75 -15.96
N LEU A 299 6.76 23.53 -16.13
CA LEU A 299 6.62 24.90 -16.58
C LEU A 299 6.02 24.99 -17.98
N GLU A 300 6.43 24.06 -18.84
CA GLU A 300 5.88 23.92 -20.18
C GLU A 300 4.40 23.58 -20.06
N ALA A 301 4.09 22.63 -19.18
CA ALA A 301 2.70 22.23 -18.93
C ALA A 301 1.83 23.42 -18.53
N CYS A 302 2.37 24.30 -17.69
CA CYS A 302 1.66 25.52 -17.30
C CYS A 302 1.33 26.40 -18.50
N ALA A 303 2.22 26.44 -19.49
CA ALA A 303 2.08 27.31 -20.66
C ALA A 303 1.24 26.70 -21.78
N HIS A 304 0.77 25.47 -21.55
CA HIS A 304 -0.07 24.77 -22.50
C HIS A 304 -1.42 25.47 -22.72
N SER A 305 -1.98 25.29 -23.93
CA SER A 305 -3.24 25.93 -24.33
C SER A 305 -4.43 25.55 -23.44
N PHE A 306 -4.38 24.34 -22.90
CA PHE A 306 -5.45 23.88 -22.02
C PHE A 306 -5.74 24.90 -20.90
N PHE A 307 -4.69 25.62 -20.48
CA PHE A 307 -4.80 26.58 -19.38
C PHE A 307 -5.05 28.04 -19.80
N ASP A 308 -5.27 28.27 -21.10
CA ASP A 308 -5.46 29.64 -21.61
C ASP A 308 -6.57 30.39 -20.90
N GLU A 309 -7.67 29.70 -20.61
CA GLU A 309 -8.79 30.29 -19.89
C GLU A 309 -8.35 30.89 -18.56
N LEU A 310 -7.39 30.26 -17.91
CA LEU A 310 -6.86 30.76 -16.64
C LEU A 310 -6.13 32.08 -16.81
N ARG A 311 -5.77 32.40 -18.05
CA ARG A 311 -5.06 33.64 -18.35
C ARG A 311 -5.98 34.73 -18.89
N ASP A 312 -7.20 34.32 -19.24
CA ASP A 312 -8.25 35.25 -19.65
C ASP A 312 -8.53 36.23 -18.50
N PRO A 313 -8.49 37.53 -18.81
CA PRO A 313 -8.70 38.59 -17.81
C PRO A 313 -10.06 38.53 -17.11
N ASN A 314 -11.05 37.88 -17.72
CA ASN A 314 -12.40 37.84 -17.19
C ASN A 314 -12.73 36.59 -16.38
N VAL A 315 -11.74 35.69 -16.28
CA VAL A 315 -11.91 34.42 -15.60
C VAL A 315 -12.33 34.56 -14.15
N LYS A 316 -13.28 33.73 -13.73
CA LYS A 316 -13.75 33.72 -12.36
C LYS A 316 -14.06 32.29 -11.95
N LEU A 317 -14.05 32.06 -10.65
CA LEU A 317 -14.51 30.82 -10.08
C LEU A 317 -16.01 30.74 -10.30
N PRO A 318 -16.59 29.53 -10.24
CA PRO A 318 -18.04 29.38 -10.35
C PRO A 318 -18.83 30.21 -9.33
N ASN A 319 -18.22 30.55 -8.18
CA ASN A 319 -18.90 31.35 -7.17
C ASN A 319 -18.74 32.87 -7.32
N GLY A 320 -18.12 33.32 -8.40
CA GLY A 320 -17.95 34.75 -8.66
C GLY A 320 -16.66 35.37 -8.16
N ARG A 321 -15.98 34.67 -7.24
CA ARG A 321 -14.68 35.09 -6.68
C ARG A 321 -13.60 35.17 -7.76
N ASP A 322 -12.55 35.94 -7.50
CA ASP A 322 -11.38 35.92 -8.36
C ASP A 322 -10.70 34.56 -8.22
N THR A 323 -10.03 34.11 -9.27
CA THR A 323 -9.16 32.95 -9.16
C THR A 323 -8.13 33.22 -8.06
N PRO A 324 -7.49 32.17 -7.53
CA PRO A 324 -6.40 32.36 -6.58
C PRO A 324 -5.12 32.76 -7.34
N ALA A 325 -4.06 33.07 -6.61
CA ALA A 325 -2.76 33.39 -7.21
C ALA A 325 -2.39 32.39 -8.30
N LEU A 326 -2.12 32.91 -9.50
CA LEU A 326 -1.81 32.08 -10.66
C LEU A 326 -0.58 32.56 -11.42
N PHE A 327 -0.18 33.81 -11.17
CA PHE A 327 0.86 34.46 -11.97
C PHE A 327 2.03 35.03 -11.17
N ASN A 328 1.99 34.89 -9.85
CA ASN A 328 3.07 35.37 -9.00
C ASN A 328 4.32 34.48 -9.05
N PHE A 329 4.85 34.32 -10.26
CA PHE A 329 6.02 33.49 -10.54
C PHE A 329 7.28 34.19 -10.08
N THR A 330 8.08 33.49 -9.28
CA THR A 330 9.40 34.00 -8.89
C THR A 330 10.41 33.61 -9.96
N THR A 331 11.63 34.13 -9.82
CA THR A 331 12.72 33.78 -10.70
C THR A 331 13.10 32.31 -10.55
N GLN A 332 13.07 31.83 -9.31
CA GLN A 332 13.35 30.42 -9.02
C GLN A 332 12.40 29.49 -9.79
N GLU A 333 11.10 29.78 -9.71
CA GLU A 333 10.09 29.01 -10.41
C GLU A 333 10.30 29.04 -11.94
N LEU A 334 10.73 30.19 -12.45
CA LEU A 334 10.86 30.39 -13.88
C LEU A 334 12.16 29.84 -14.46
N SER A 335 13.11 29.51 -13.59
CA SER A 335 14.50 29.20 -13.97
C SER A 335 14.75 28.17 -15.09
N SER A 336 13.84 27.21 -15.28
CA SER A 336 14.03 26.18 -16.33
C SER A 336 13.79 26.73 -17.73
N ASN A 337 12.94 27.75 -17.83
CA ASN A 337 12.64 28.37 -19.12
C ASN A 337 12.11 29.81 -18.93
N PRO A 338 12.98 30.74 -18.51
CA PRO A 338 12.55 32.12 -18.21
C PRO A 338 11.74 32.84 -19.29
N PRO A 339 12.03 32.72 -20.59
CA PRO A 339 11.17 33.31 -21.62
C PRO A 339 9.72 32.86 -21.57
N LEU A 340 9.44 31.73 -20.91
CA LEU A 340 8.05 31.27 -20.75
C LEU A 340 7.20 32.27 -19.96
N ALA A 341 7.86 33.19 -19.23
CA ALA A 341 7.17 34.27 -18.51
C ALA A 341 6.29 35.12 -19.41
N THR A 342 6.63 35.18 -20.69
CA THR A 342 5.85 35.93 -21.67
C THR A 342 4.47 35.30 -21.86
N ILE A 343 4.42 33.97 -21.85
CA ILE A 343 3.14 33.26 -21.96
C ILE A 343 2.44 33.20 -20.61
N LEU A 344 3.16 32.74 -19.59
CA LEU A 344 2.61 32.50 -18.26
C LEU A 344 1.98 33.72 -17.61
N ILE A 345 2.67 34.85 -17.67
CA ILE A 345 2.17 36.09 -17.09
C ILE A 345 1.54 36.94 -18.19
N PRO A 346 0.21 36.98 -18.22
CA PRO A 346 -0.53 37.76 -19.22
C PRO A 346 -0.34 39.27 -18.99
N PRO A 347 -0.51 40.08 -20.02
CA PRO A 347 -0.36 41.54 -19.90
C PRO A 347 -1.07 42.14 -18.69
N HIS A 348 -2.32 41.77 -18.47
CA HIS A 348 -3.12 42.34 -17.39
C HIS A 348 -2.58 42.04 -15.99
N ALA A 349 -1.85 40.92 -15.86
CA ALA A 349 -1.31 40.48 -14.58
C ALA A 349 -0.03 41.23 -14.18
N ARG A 350 0.69 41.75 -15.18
CA ARG A 350 1.92 42.51 -14.97
C ARG A 350 1.63 43.85 -14.28
N LEU B 1 13.85 -16.43 -22.48
CA LEU B 1 13.43 -17.52 -21.55
C LEU B 1 14.24 -18.83 -21.71
N SER B 2 14.56 -19.20 -22.96
CA SER B 2 15.29 -20.44 -23.27
C SER B 2 16.70 -20.50 -22.67
N LYS B 3 17.18 -19.36 -22.18
CA LYS B 3 18.49 -19.22 -21.54
C LYS B 3 18.56 -20.05 -20.26
N VAL B 4 19.70 -20.68 -20.02
CA VAL B 4 19.88 -21.54 -18.84
C VAL B 4 20.78 -20.87 -17.80
N THR B 5 20.25 -20.70 -16.59
CA THR B 5 20.98 -20.12 -15.46
C THR B 5 21.37 -21.22 -14.48
N THR B 6 22.64 -21.24 -14.11
CA THR B 6 23.15 -22.21 -13.15
C THR B 6 23.74 -21.47 -11.97
N VAL B 7 23.29 -21.81 -10.78
CA VAL B 7 23.80 -21.20 -9.56
C VAL B 7 24.28 -22.23 -8.54
N VAL B 8 24.97 -21.74 -7.52
CA VAL B 8 25.33 -22.57 -6.38
C VAL B 8 24.37 -22.25 -5.26
N ALA B 9 23.42 -23.15 -5.06
CA ALA B 9 22.33 -22.93 -4.11
C ALA B 9 22.42 -23.87 -2.91
N THR B 10 22.12 -23.32 -1.73
CA THR B 10 22.11 -24.10 -0.50
C THR B 10 20.70 -24.64 -0.32
N PRO B 11 20.56 -25.94 -0.13
CA PRO B 11 19.25 -26.56 0.15
C PRO B 11 18.56 -25.87 1.33
N GLY B 12 17.23 -25.85 1.30
CA GLY B 12 16.46 -25.19 2.34
C GLY B 12 16.66 -25.73 3.74
N GLN B 13 16.45 -27.03 3.92
CA GLN B 13 16.41 -27.61 5.27
C GLN B 13 17.49 -28.63 5.58
N GLY B 14 18.15 -29.13 4.54
CA GLY B 14 19.26 -30.05 4.74
C GLY B 14 20.40 -29.31 5.41
N PRO B 15 21.54 -29.98 5.61
CA PRO B 15 22.74 -29.32 6.13
C PRO B 15 23.26 -28.29 5.12
N ASP B 16 24.05 -27.33 5.59
CA ASP B 16 24.57 -26.25 4.75
C ASP B 16 25.59 -26.80 3.75
N ARG B 17 25.08 -27.39 2.67
CA ARG B 17 25.93 -27.99 1.65
C ARG B 17 25.42 -27.67 0.24
N PRO B 18 26.04 -26.66 -0.37
CA PRO B 18 25.55 -26.12 -1.64
C PRO B 18 25.68 -27.09 -2.81
N GLN B 19 24.79 -26.92 -3.79
CA GLN B 19 24.87 -27.71 -5.01
C GLN B 19 24.58 -26.82 -6.19
N GLU B 20 25.07 -27.24 -7.35
CA GLU B 20 24.73 -26.58 -8.59
C GLU B 20 23.28 -26.86 -8.88
N VAL B 21 22.56 -25.81 -9.26
CA VAL B 21 21.15 -25.90 -9.60
C VAL B 21 20.96 -25.06 -10.85
N SER B 22 20.40 -25.68 -11.88
CA SER B 22 20.15 -24.99 -13.14
C SER B 22 18.65 -24.74 -13.29
N TYR B 23 18.32 -23.55 -13.79
CA TYR B 23 16.95 -23.21 -14.15
C TYR B 23 16.88 -22.43 -15.46
N THR B 24 15.69 -22.42 -16.04
CA THR B 24 15.41 -21.74 -17.28
C THR B 24 13.95 -21.23 -17.32
N ASP B 25 13.50 -20.74 -18.47
CA ASP B 25 12.14 -20.19 -18.64
C ASP B 25 11.81 -19.19 -17.51
N THR B 26 12.79 -18.34 -17.19
CA THR B 26 12.67 -17.38 -16.10
C THR B 26 11.92 -16.13 -16.53
N LYS B 27 10.81 -15.85 -15.84
CA LYS B 27 10.01 -14.65 -16.09
C LYS B 27 9.54 -14.01 -14.78
N VAL B 28 9.41 -12.68 -14.82
CA VAL B 28 8.91 -11.88 -13.69
C VAL B 28 7.43 -12.17 -13.44
N ILE B 29 7.05 -12.38 -12.18
CA ILE B 29 5.63 -12.61 -11.83
C ILE B 29 5.06 -11.71 -10.73
N GLY B 30 5.94 -11.04 -9.98
CA GLY B 30 5.55 -10.14 -8.91
C GLY B 30 6.52 -8.99 -8.70
N ASN B 31 6.16 -8.07 -7.80
CA ASN B 31 6.95 -6.88 -7.53
C ASN B 31 6.69 -6.23 -6.17
N GLY B 32 7.74 -5.74 -5.54
CA GLY B 32 7.62 -5.07 -4.25
C GLY B 32 8.86 -4.26 -3.88
N SER B 33 8.81 -3.61 -2.72
CA SER B 33 9.90 -2.77 -2.19
C SER B 33 11.16 -3.58 -1.89
N PHE B 34 10.97 -4.88 -1.65
CA PHE B 34 12.06 -5.83 -1.43
C PHE B 34 12.77 -6.17 -2.76
N GLY B 35 11.95 -6.38 -3.80
CA GLY B 35 12.43 -6.82 -5.11
C GLY B 35 11.42 -7.65 -5.90
N VAL B 36 11.94 -8.59 -6.69
CA VAL B 36 11.17 -9.32 -7.69
C VAL B 36 10.88 -10.78 -7.30
N VAL B 37 9.78 -11.31 -7.83
CA VAL B 37 9.49 -12.74 -7.74
C VAL B 37 9.36 -13.30 -9.16
N TYR B 38 10.10 -14.38 -9.43
CA TYR B 38 10.16 -15.01 -10.74
C TYR B 38 9.49 -16.38 -10.78
N GLN B 39 9.13 -16.81 -12.00
CA GLN B 39 8.74 -18.18 -12.27
C GLN B 39 9.86 -18.81 -13.08
N ALA B 40 10.30 -19.99 -12.69
CA ALA B 40 11.35 -20.69 -13.43
C ALA B 40 11.05 -22.17 -13.47
N LYS B 41 11.75 -22.87 -14.35
CA LYS B 41 11.65 -24.31 -14.43
C LYS B 41 13.04 -24.88 -14.10
N LEU B 42 13.08 -25.77 -13.10
CA LEU B 42 14.32 -26.49 -12.78
C LEU B 42 14.63 -27.43 -13.93
N CYS B 43 15.87 -27.37 -14.43
CA CYS B 43 16.29 -28.13 -15.61
C CYS B 43 16.24 -29.65 -15.47
N ASP B 44 16.60 -30.16 -14.28
CA ASP B 44 16.69 -31.60 -14.07
C ASP B 44 15.36 -32.29 -13.76
N SER B 45 14.37 -31.53 -13.29
CA SER B 45 13.10 -32.13 -12.87
C SER B 45 11.90 -31.65 -13.69
N GLY B 46 12.05 -30.50 -14.34
CA GLY B 46 10.96 -29.90 -15.10
C GLY B 46 9.93 -29.29 -14.17
N GLU B 47 10.17 -29.36 -12.86
CA GLU B 47 9.28 -28.81 -11.85
C GLU B 47 9.33 -27.29 -11.88
N LEU B 48 8.16 -26.67 -11.71
CA LEU B 48 8.08 -25.22 -11.66
C LEU B 48 8.48 -24.72 -10.28
N VAL B 49 9.17 -23.58 -10.23
CA VAL B 49 9.55 -22.97 -8.97
C VAL B 49 9.28 -21.47 -9.02
N ALA B 50 9.16 -20.85 -7.85
CA ALA B 50 9.15 -19.41 -7.79
C ALA B 50 10.47 -19.01 -7.16
N ILE B 51 11.06 -17.92 -7.64
CA ILE B 51 12.27 -17.41 -7.00
C ILE B 51 12.01 -15.99 -6.52
N LYS B 52 12.29 -15.75 -5.25
CA LYS B 52 12.10 -14.44 -4.64
C LYS B 52 13.46 -13.80 -4.42
N LYS B 53 13.65 -12.64 -5.02
CA LYS B 53 14.89 -11.90 -4.92
C LYS B 53 14.74 -10.61 -4.12
N VAL B 54 15.41 -10.55 -2.97
CA VAL B 54 15.39 -9.38 -2.10
C VAL B 54 16.79 -8.83 -1.90
N LEU B 55 16.91 -7.51 -1.85
CA LEU B 55 18.19 -6.85 -1.61
C LEU B 55 18.63 -7.11 -0.17
N GLN B 56 19.86 -7.60 -0.01
CA GLN B 56 20.44 -7.85 1.30
C GLN B 56 21.70 -7.01 1.50
N ASP B 57 21.64 -6.08 2.45
CA ASP B 57 22.72 -5.13 2.69
C ASP B 57 23.92 -5.67 3.46
N LYS B 58 23.94 -6.98 3.70
CA LYS B 58 24.98 -7.66 4.49
C LYS B 58 25.31 -6.88 5.78
N ARG B 59 24.35 -6.07 6.22
CA ARG B 59 24.43 -5.32 7.46
C ARG B 59 23.96 -6.20 8.61
N PHE B 60 23.42 -7.37 8.25
CA PHE B 60 23.01 -8.43 9.17
C PHE B 60 22.52 -9.66 8.41
N LYS B 61 22.07 -10.66 9.15
CA LYS B 61 21.45 -11.85 8.57
C LYS B 61 20.05 -11.47 8.10
N ASN B 62 19.56 -12.21 7.10
CA ASN B 62 18.21 -12.01 6.62
C ASN B 62 17.21 -12.80 7.48
N ARG B 63 16.19 -12.10 7.97
CA ARG B 63 15.19 -12.65 8.89
C ARG B 63 14.26 -13.65 8.22
N GLU B 64 13.75 -13.25 7.05
CA GLU B 64 12.90 -14.13 6.28
C GLU B 64 13.58 -15.47 6.04
N LEU B 65 14.82 -15.44 5.58
CA LEU B 65 15.55 -16.65 5.28
C LEU B 65 15.67 -17.55 6.52
N GLN B 66 16.13 -16.95 7.62
CA GLN B 66 16.24 -17.67 8.89
C GLN B 66 14.95 -18.40 9.30
N ILE B 67 13.82 -17.73 9.13
CA ILE B 67 12.53 -18.33 9.43
C ILE B 67 12.16 -19.43 8.40
N MET B 68 12.43 -19.19 7.12
CA MET B 68 12.12 -20.18 6.10
C MET B 68 12.91 -21.45 6.31
N ARG B 69 14.17 -21.32 6.72
CA ARG B 69 15.04 -22.46 6.97
C ARG B 69 14.56 -23.39 8.08
N LYS B 70 13.70 -22.89 8.96
CA LYS B 70 13.16 -23.69 10.05
C LYS B 70 11.88 -24.40 9.69
N LEU B 71 11.17 -23.90 8.69
CA LEU B 71 9.81 -24.35 8.43
C LEU B 71 9.70 -25.53 7.48
N ASP B 72 9.04 -26.60 7.94
CA ASP B 72 8.76 -27.75 7.09
C ASP B 72 7.31 -28.20 7.29
N HIS B 73 6.40 -27.58 6.58
CA HIS B 73 4.97 -27.85 6.71
C HIS B 73 4.32 -27.88 5.35
N CYS B 74 3.30 -28.73 5.21
CA CYS B 74 2.63 -28.94 3.94
C CYS B 74 1.69 -27.80 3.55
N ASN B 75 1.36 -26.93 4.50
CA ASN B 75 0.52 -25.77 4.22
C ASN B 75 1.36 -24.49 4.25
N ILE B 76 2.67 -24.64 4.06
CA ILE B 76 3.57 -23.51 3.92
C ILE B 76 4.48 -23.75 2.72
N VAL B 77 4.60 -22.73 1.88
CA VAL B 77 5.45 -22.76 0.73
C VAL B 77 6.87 -23.10 1.19
N ARG B 78 7.39 -24.21 0.66
CA ARG B 78 8.69 -24.73 1.00
C ARG B 78 9.79 -23.94 0.34
N LEU B 79 10.81 -23.61 1.14
CA LEU B 79 12.07 -23.10 0.62
C LEU B 79 12.93 -24.29 0.20
N ARG B 80 13.09 -24.48 -1.11
CA ARG B 80 13.89 -25.60 -1.63
C ARG B 80 15.37 -25.26 -1.60
N TYR B 81 15.71 -24.09 -2.12
CA TYR B 81 17.09 -23.63 -2.13
C TYR B 81 17.16 -22.14 -1.93
N PHE B 82 18.31 -21.68 -1.46
CA PHE B 82 18.60 -20.25 -1.48
C PHE B 82 19.95 -20.00 -2.12
N PHE B 83 20.10 -18.83 -2.74
CA PHE B 83 21.37 -18.47 -3.33
C PHE B 83 21.53 -16.96 -3.41
N TYR B 84 22.77 -16.53 -3.62
CA TYR B 84 23.09 -15.11 -3.70
C TYR B 84 23.47 -14.68 -5.11
N SER B 85 23.12 -13.45 -5.44
CA SER B 85 23.46 -12.87 -6.73
C SER B 85 23.85 -11.41 -6.56
N SER B 86 24.56 -10.87 -7.53
CA SER B 86 25.02 -9.49 -7.51
C SER B 86 24.02 -8.58 -8.20
N VAL B 93 24.00 -6.79 -2.40
CA VAL B 93 23.99 -8.23 -2.61
C VAL B 93 22.56 -8.75 -2.57
N TYR B 94 22.14 -9.43 -3.63
CA TYR B 94 20.77 -9.96 -3.70
C TYR B 94 20.68 -11.39 -3.15
N LEU B 95 19.73 -11.61 -2.27
CA LEU B 95 19.41 -12.96 -1.80
C LEU B 95 18.24 -13.51 -2.64
N ASN B 96 18.36 -14.77 -3.05
CA ASN B 96 17.30 -15.43 -3.82
C ASN B 96 16.76 -16.65 -3.12
N LEU B 97 15.44 -16.69 -2.94
CA LEU B 97 14.79 -17.82 -2.32
C LEU B 97 14.07 -18.62 -3.39
N VAL B 98 14.40 -19.89 -3.52
CA VAL B 98 13.75 -20.75 -4.50
C VAL B 98 12.65 -21.51 -3.78
N LEU B 99 11.42 -21.21 -4.16
CA LEU B 99 10.23 -21.71 -3.48
C LEU B 99 9.40 -22.63 -4.35
N ASP B 100 8.73 -23.58 -3.72
CA ASP B 100 7.81 -24.45 -4.46
C ASP B 100 6.72 -23.58 -5.09
N TYR B 101 6.44 -23.81 -6.37
CA TYR B 101 5.50 -22.98 -7.12
C TYR B 101 4.08 -23.43 -6.88
N VAL B 102 3.18 -22.46 -6.71
CA VAL B 102 1.76 -22.75 -6.54
C VAL B 102 1.01 -21.78 -7.44
N PRO B 103 0.09 -22.30 -8.25
CA PRO B 103 -0.46 -21.53 -9.38
C PRO B 103 -1.50 -20.46 -9.06
N GLU B 104 -2.18 -20.54 -7.93
CA GLU B 104 -3.34 -19.69 -7.68
C GLU B 104 -3.29 -19.08 -6.26
N THR B 105 -4.16 -18.10 -5.99
CA THR B 105 -4.28 -17.52 -4.64
C THR B 105 -5.74 -17.43 -4.19
N VAL B 106 -5.95 -17.31 -2.88
CA VAL B 106 -7.30 -17.20 -2.33
C VAL B 106 -7.95 -15.91 -2.81
N TYR B 107 -7.13 -14.87 -2.97
CA TYR B 107 -7.62 -13.60 -3.46
C TYR B 107 -8.15 -13.68 -4.89
N ARG B 108 -7.34 -14.23 -5.79
CA ARG B 108 -7.75 -14.41 -7.19
C ARG B 108 -9.02 -15.25 -7.25
N VAL B 109 -9.06 -16.34 -6.49
CA VAL B 109 -10.21 -17.25 -6.53
C VAL B 109 -11.46 -16.54 -6.04
N ALA B 110 -11.34 -15.88 -4.90
CA ALA B 110 -12.42 -15.11 -4.29
C ALA B 110 -12.93 -13.98 -5.18
N ARG B 111 -12.01 -13.30 -5.85
CA ARG B 111 -12.38 -12.24 -6.78
C ARG B 111 -13.17 -12.81 -7.98
N HIS B 112 -12.70 -13.91 -8.57
CA HIS B 112 -13.47 -14.57 -9.63
C HIS B 112 -14.92 -14.82 -9.18
N TYR B 113 -15.09 -15.37 -7.99
CA TYR B 113 -16.45 -15.64 -7.49
C TYR B 113 -17.27 -14.36 -7.33
N SER B 114 -16.66 -13.36 -6.69
CA SER B 114 -17.30 -12.07 -6.46
C SER B 114 -17.74 -11.34 -7.74
N ARG B 115 -16.86 -11.33 -8.74
CA ARG B 115 -17.12 -10.67 -10.01
C ARG B 115 -18.23 -11.39 -10.77
N ALA B 116 -18.34 -12.70 -10.53
CA ALA B 116 -19.36 -13.52 -11.17
C ALA B 116 -20.67 -13.51 -10.38
N LYS B 117 -20.67 -12.80 -9.25
CA LYS B 117 -21.83 -12.73 -8.35
C LYS B 117 -22.15 -14.08 -7.71
N GLN B 118 -21.16 -14.97 -7.68
CA GLN B 118 -21.30 -16.31 -7.10
C GLN B 118 -20.67 -16.36 -5.72
N THR B 119 -21.05 -17.36 -4.95
CA THR B 119 -20.46 -17.61 -3.64
C THR B 119 -19.46 -18.74 -3.77
N LEU B 120 -18.33 -18.64 -3.06
CA LEU B 120 -17.38 -19.75 -3.01
C LEU B 120 -18.04 -20.80 -2.13
N PRO B 121 -18.23 -22.00 -2.69
CA PRO B 121 -18.85 -23.11 -1.94
C PRO B 121 -18.17 -23.26 -0.59
N VAL B 122 -18.99 -23.43 0.43
CA VAL B 122 -18.55 -23.52 1.82
C VAL B 122 -17.49 -24.61 2.04
N ILE B 123 -17.54 -25.68 1.25
CA ILE B 123 -16.52 -26.71 1.34
C ILE B 123 -15.12 -26.16 1.13
N TYR B 124 -14.97 -25.17 0.25
CA TYR B 124 -13.66 -24.56 0.03
C TYR B 124 -13.30 -23.60 1.16
N VAL B 125 -14.29 -22.92 1.71
CA VAL B 125 -14.06 -22.05 2.85
C VAL B 125 -13.49 -22.90 4.00
N LYS B 126 -14.08 -24.08 4.22
CA LYS B 126 -13.58 -25.01 5.23
C LYS B 126 -12.16 -25.49 4.93
N LEU B 127 -11.93 -25.92 3.69
CA LEU B 127 -10.63 -26.44 3.29
C LEU B 127 -9.54 -25.39 3.39
N TYR B 128 -9.81 -24.21 2.82
CA TYR B 128 -8.83 -23.16 2.79
C TYR B 128 -8.57 -22.67 4.21
N MET B 129 -9.64 -22.34 4.95
CA MET B 129 -9.48 -21.87 6.34
C MET B 129 -8.78 -22.89 7.21
N TYR B 130 -9.23 -24.13 7.15
CA TYR B 130 -8.63 -25.18 7.95
C TYR B 130 -7.13 -25.23 7.74
N GLN B 131 -6.70 -25.21 6.49
CA GLN B 131 -5.30 -25.35 6.15
C GLN B 131 -4.53 -24.11 6.58
N LEU B 132 -5.21 -22.96 6.57
CA LEU B 132 -4.60 -21.72 7.04
C LEU B 132 -4.36 -21.82 8.55
N PHE B 133 -5.30 -22.41 9.27
CA PHE B 133 -5.16 -22.49 10.71
C PHE B 133 -4.05 -23.45 11.12
N ARG B 134 -3.89 -24.54 10.37
CA ARG B 134 -2.81 -25.48 10.61
C ARG B 134 -1.45 -24.82 10.42
N SER B 135 -1.32 -24.05 9.32
CA SER B 135 -0.07 -23.38 9.02
C SER B 135 0.26 -22.36 10.10
N LEU B 136 -0.78 -21.72 10.61
CA LEU B 136 -0.65 -20.81 11.74
C LEU B 136 -0.25 -21.54 13.04
N ALA B 137 -0.93 -22.65 13.36
CA ALA B 137 -0.57 -23.42 14.55
C ALA B 137 0.89 -23.81 14.46
N TYR B 138 1.31 -24.23 13.26
CA TYR B 138 2.68 -24.65 13.07
C TYR B 138 3.69 -23.53 13.34
N ILE B 139 3.56 -22.38 12.66
CA ILE B 139 4.52 -21.29 12.89
C ILE B 139 4.42 -20.67 14.28
N HIS B 140 3.23 -20.69 14.88
CA HIS B 140 3.07 -20.09 16.22
C HIS B 140 3.73 -20.98 17.29
N SER B 141 3.83 -22.27 17.01
CA SER B 141 4.52 -23.20 17.90
C SER B 141 5.99 -22.80 18.05
N PHE B 142 6.58 -22.24 17.00
CA PHE B 142 7.95 -21.71 17.06
C PHE B 142 7.98 -20.29 17.63
N GLY B 143 6.82 -19.77 18.01
CA GLY B 143 6.72 -18.38 18.43
C GLY B 143 6.87 -17.40 17.27
N ILE B 144 6.67 -17.89 16.03
CA ILE B 144 6.75 -17.07 14.84
C ILE B 144 5.38 -16.56 14.40
N CYS B 145 5.30 -15.26 14.20
CA CYS B 145 4.07 -14.61 13.81
C CYS B 145 4.26 -14.10 12.39
N HIS B 146 3.28 -14.39 11.52
CA HIS B 146 3.34 -14.03 10.10
C HIS B 146 3.22 -12.53 9.85
N ARG B 147 2.26 -11.89 10.53
CA ARG B 147 2.09 -10.45 10.50
C ARG B 147 1.69 -9.92 9.14
N ASP B 148 1.25 -10.80 8.24
CA ASP B 148 0.76 -10.37 6.92
C ASP B 148 -0.22 -11.38 6.33
N ILE B 149 -1.06 -11.95 7.20
CA ILE B 149 -2.08 -12.91 6.78
C ILE B 149 -3.14 -12.16 5.98
N LYS B 150 -3.28 -12.53 4.70
CA LYS B 150 -4.27 -11.93 3.83
C LYS B 150 -4.47 -12.82 2.59
N PRO B 151 -5.61 -12.71 1.91
CA PRO B 151 -5.93 -13.56 0.76
C PRO B 151 -4.86 -13.65 -0.35
N GLN B 152 -4.08 -12.60 -0.57
CA GLN B 152 -3.02 -12.65 -1.57
C GLN B 152 -1.84 -13.51 -1.13
N ASN B 153 -1.71 -13.73 0.17
CA ASN B 153 -0.64 -14.55 0.74
C ASN B 153 -1.01 -16.01 0.96
N LEU B 154 -2.19 -16.38 0.46
CA LEU B 154 -2.64 -17.77 0.51
C LEU B 154 -2.68 -18.40 -0.86
N LEU B 155 -1.65 -19.18 -1.15
CA LEU B 155 -1.57 -19.85 -2.45
C LEU B 155 -2.43 -21.10 -2.50
N LEU B 156 -2.97 -21.36 -3.69
CA LEU B 156 -3.86 -22.50 -3.88
C LEU B 156 -3.46 -23.31 -5.10
N ASP B 157 -3.49 -24.62 -4.93
CA ASP B 157 -3.46 -25.53 -6.07
C ASP B 157 -4.93 -25.91 -6.30
N PRO B 158 -5.52 -25.47 -7.41
CA PRO B 158 -6.96 -25.67 -7.64
C PRO B 158 -7.35 -27.15 -7.75
N ASP B 159 -6.48 -27.98 -8.32
CA ASP B 159 -6.78 -29.41 -8.49
C ASP B 159 -6.78 -30.24 -7.20
N THR B 160 -5.97 -29.87 -6.21
CA THR B 160 -5.88 -30.66 -4.98
C THR B 160 -6.49 -29.98 -3.77
N ALA B 161 -6.89 -28.72 -3.95
CA ALA B 161 -7.35 -27.84 -2.87
C ALA B 161 -6.31 -27.63 -1.75
N VAL B 162 -5.04 -27.85 -2.06
CA VAL B 162 -3.98 -27.57 -1.10
C VAL B 162 -3.78 -26.05 -1.02
N LEU B 163 -3.64 -25.57 0.20
CA LEU B 163 -3.38 -24.16 0.42
C LEU B 163 -2.01 -24.06 1.02
N LYS B 164 -1.24 -23.08 0.54
CA LYS B 164 0.08 -22.82 1.08
C LYS B 164 0.24 -21.36 1.48
N LEU B 165 0.59 -21.15 2.75
CA LEU B 165 0.86 -19.84 3.28
C LEU B 165 2.19 -19.37 2.71
N CYS B 166 2.23 -18.11 2.28
CA CYS B 166 3.46 -17.57 1.73
C CYS B 166 3.76 -16.16 2.21
N ASP B 167 4.88 -15.62 1.71
CA ASP B 167 5.39 -14.29 2.00
C ASP B 167 5.64 -14.04 3.47
N PHE B 168 6.83 -14.47 3.90
CA PHE B 168 7.28 -14.32 5.28
C PHE B 168 8.19 -13.11 5.47
N GLY B 169 8.08 -12.13 4.58
CA GLY B 169 8.90 -10.93 4.62
C GLY B 169 8.59 -10.02 5.81
N SER B 170 7.41 -10.18 6.37
CA SER B 170 7.00 -9.46 7.56
C SER B 170 7.04 -10.32 8.82
N ALA B 171 7.38 -11.60 8.69
CA ALA B 171 7.25 -12.53 9.81
C ALA B 171 8.34 -12.30 10.84
N LYS B 172 8.08 -12.72 12.07
CA LYS B 172 9.01 -12.48 13.17
C LYS B 172 8.73 -13.37 14.36
N GLN B 173 9.80 -13.88 14.96
CA GLN B 173 9.70 -14.59 16.22
C GLN B 173 9.42 -13.53 17.26
N LEU B 174 8.22 -13.54 17.83
CA LEU B 174 7.87 -12.59 18.88
C LEU B 174 8.44 -13.06 20.21
N VAL B 175 9.20 -12.18 20.85
CA VAL B 175 9.80 -12.46 22.15
C VAL B 175 9.24 -11.47 23.17
N ARG B 176 8.72 -11.99 24.28
CA ARG B 176 8.19 -11.15 25.35
C ARG B 176 9.27 -10.25 25.92
N GLY B 177 8.95 -8.97 26.05
CA GLY B 177 9.90 -7.99 26.53
C GLY B 177 10.50 -7.19 25.38
N GLU B 178 10.65 -7.82 24.22
CA GLU B 178 11.13 -7.11 23.04
C GLU B 178 9.93 -6.64 22.22
N PRO B 179 9.87 -5.32 21.99
CA PRO B 179 8.73 -4.70 21.31
C PRO B 179 8.73 -4.87 19.81
N ASN B 180 7.55 -4.75 19.21
CA ASN B 180 7.41 -4.88 17.77
C ASN B 180 6.59 -3.72 17.23
N VAL B 181 6.87 -3.33 15.99
CA VAL B 181 6.12 -2.27 15.29
C VAL B 181 4.63 -2.58 15.28
N SER B 182 3.84 -1.57 15.61
CA SER B 182 2.38 -1.65 15.62
C SER B 182 1.80 -1.56 14.21
N PTR B 183 2.44 -0.78 13.35
CA PTR B 183 1.94 -0.59 12.00
C PTR B 183 2.42 -1.70 11.05
O PTR B 183 3.32 -1.48 10.23
CB PTR B 183 2.32 0.81 11.50
CG PTR B 183 1.50 1.26 10.30
CD1 PTR B 183 0.12 1.53 10.43
CD2 PTR B 183 2.08 1.40 9.04
CE1 PTR B 183 -0.64 1.93 9.34
CE2 PTR B 183 1.31 1.80 7.95
CZ PTR B 183 -0.04 2.05 8.10
OH PTR B 183 -0.71 2.43 7.12
P PTR B 183 -1.74 1.51 6.27
O1P PTR B 183 -3.08 1.58 6.87
O2P PTR B 183 -1.31 0.03 6.22
O3P PTR B 183 -1.72 2.05 4.81
N ILE B 184 1.84 -2.89 11.18
CA ILE B 184 2.11 -4.01 10.26
C ILE B 184 0.80 -4.60 9.82
N CYS B 185 0.88 -5.63 8.97
CA CYS B 185 -0.27 -6.26 8.33
C CYS B 185 -0.88 -5.28 7.35
N SER B 186 -1.54 -5.81 6.32
CA SER B 186 -2.35 -5.00 5.42
C SER B 186 -3.58 -4.49 6.18
N ARG B 187 -3.91 -3.23 5.92
CA ARG B 187 -4.99 -2.53 6.59
C ARG B 187 -6.23 -3.36 6.95
N TYR B 188 -6.85 -3.97 5.94
CA TYR B 188 -8.12 -4.64 6.12
C TYR B 188 -8.06 -5.82 7.10
N TYR B 189 -6.86 -6.34 7.31
CA TYR B 189 -6.66 -7.58 8.07
C TYR B 189 -5.89 -7.31 9.35
N ARG B 190 -5.68 -6.03 9.64
CA ARG B 190 -4.89 -5.58 10.79
C ARG B 190 -5.69 -5.64 12.08
N ALA B 191 -5.17 -6.40 13.05
CA ALA B 191 -5.81 -6.57 14.35
C ALA B 191 -6.01 -5.22 15.04
N PRO B 192 -7.09 -5.09 15.80
CA PRO B 192 -7.41 -3.81 16.47
C PRO B 192 -6.34 -3.38 17.47
N GLU B 193 -5.66 -4.33 18.13
CA GLU B 193 -4.57 -3.98 19.05
C GLU B 193 -3.44 -3.28 18.33
N LEU B 194 -3.22 -3.64 17.07
CA LEU B 194 -2.19 -2.96 16.29
C LEU B 194 -2.59 -1.52 16.01
N ILE B 195 -3.89 -1.30 15.79
CA ILE B 195 -4.43 0.04 15.56
C ILE B 195 -4.34 0.87 16.85
N PHE B 196 -4.55 0.22 17.99
CA PHE B 196 -4.46 0.88 19.31
C PHE B 196 -3.01 1.01 19.79
N GLY B 197 -2.07 0.68 18.91
CA GLY B 197 -0.65 0.95 19.10
C GLY B 197 0.17 -0.01 19.94
N ALA B 198 -0.33 -1.22 20.14
CA ALA B 198 0.40 -2.23 20.92
C ALA B 198 1.74 -2.61 20.29
N THR B 199 2.74 -2.80 21.16
CA THR B 199 4.05 -3.27 20.77
C THR B 199 4.31 -4.59 21.49
N ASP B 200 3.41 -4.93 22.41
CA ASP B 200 3.50 -6.15 23.23
C ASP B 200 2.52 -7.21 22.72
N TYR B 201 2.07 -7.04 21.48
CA TYR B 201 1.15 -7.98 20.87
C TYR B 201 1.73 -9.37 20.62
N THR B 202 0.84 -10.33 20.42
CA THR B 202 1.19 -11.74 20.30
C THR B 202 0.85 -12.26 18.90
N SER B 203 1.09 -13.55 18.72
CA SER B 203 0.71 -14.29 17.52
C SER B 203 -0.77 -14.14 17.21
N SER B 204 -1.57 -13.82 18.23
CA SER B 204 -3.02 -13.73 18.06
C SER B 204 -3.47 -12.72 16.99
N ILE B 205 -2.59 -11.82 16.57
CA ILE B 205 -2.93 -10.92 15.47
C ILE B 205 -3.18 -11.68 14.16
N ASP B 206 -2.40 -12.73 13.90
CA ASP B 206 -2.60 -13.56 12.71
C ASP B 206 -4.00 -14.15 12.69
N VAL B 207 -4.49 -14.48 13.90
CA VAL B 207 -5.76 -15.14 14.07
C VAL B 207 -6.89 -14.18 13.68
N TRP B 208 -6.76 -12.93 14.11
CA TRP B 208 -7.68 -11.86 13.71
C TRP B 208 -7.68 -11.75 12.18
N SER B 209 -6.49 -11.73 11.59
CA SER B 209 -6.37 -11.64 10.13
C SER B 209 -7.03 -12.84 9.47
N ALA B 210 -6.87 -14.02 10.07
CA ALA B 210 -7.53 -15.22 9.58
C ALA B 210 -9.06 -15.10 9.64
N GLY B 211 -9.58 -14.52 10.72
CA GLY B 211 -10.99 -14.21 10.84
C GLY B 211 -11.44 -13.28 9.72
N CYS B 212 -10.68 -12.21 9.49
CA CYS B 212 -10.97 -11.31 8.37
C CYS B 212 -11.02 -12.06 7.04
N VAL B 213 -10.12 -13.02 6.87
CA VAL B 213 -10.12 -13.85 5.66
C VAL B 213 -11.40 -14.68 5.57
N LEU B 214 -11.77 -15.32 6.68
CA LEU B 214 -12.97 -16.14 6.74
C LEU B 214 -14.19 -15.32 6.36
N ALA B 215 -14.40 -14.22 7.09
CA ALA B 215 -15.51 -13.30 6.88
C ALA B 215 -15.60 -12.85 5.42
N GLU B 216 -14.46 -12.50 4.83
CA GLU B 216 -14.38 -12.07 3.44
C GLU B 216 -14.87 -13.19 2.49
N LEU B 217 -14.46 -14.42 2.76
CA LEU B 217 -14.94 -15.57 1.97
C LEU B 217 -16.44 -15.77 2.09
N LEU B 218 -16.99 -15.48 3.27
CA LEU B 218 -18.43 -15.57 3.48
C LEU B 218 -19.18 -14.41 2.84
N LEU B 219 -18.60 -13.22 2.89
CA LEU B 219 -19.29 -12.05 2.36
C LEU B 219 -19.18 -11.83 0.87
N GLY B 220 -18.02 -12.17 0.30
CA GLY B 220 -17.68 -11.84 -1.08
C GLY B 220 -16.91 -10.53 -1.21
N GLN B 221 -16.52 -9.95 -0.08
CA GLN B 221 -15.80 -8.67 0.00
C GLN B 221 -15.14 -8.53 1.39
N PRO B 222 -14.11 -7.71 1.53
CA PRO B 222 -13.50 -7.50 2.85
C PRO B 222 -14.57 -7.08 3.85
N ILE B 223 -14.50 -7.61 5.06
CA ILE B 223 -15.47 -7.20 6.08
C ILE B 223 -15.15 -5.80 6.64
N PHE B 224 -13.86 -5.45 6.73
CA PHE B 224 -13.45 -4.17 7.30
C PHE B 224 -12.61 -3.39 6.31
N PRO B 225 -13.25 -2.79 5.31
CA PRO B 225 -12.52 -2.14 4.22
C PRO B 225 -12.20 -0.66 4.54
N GLY B 226 -11.29 -0.44 5.48
CA GLY B 226 -10.92 0.91 5.87
C GLY B 226 -10.26 1.69 4.76
N ASP B 227 -10.87 2.81 4.40
CA ASP B 227 -10.39 3.67 3.32
C ASP B 227 -9.11 4.44 3.70
N SER B 228 -8.79 4.43 5.00
CA SER B 228 -7.55 5.01 5.52
C SER B 228 -7.12 4.22 6.75
N GLY B 229 -5.92 4.49 7.23
CA GLY B 229 -5.40 3.86 8.43
C GLY B 229 -6.26 4.15 9.66
N VAL B 230 -6.91 5.31 9.72
CA VAL B 230 -7.82 5.67 10.82
C VAL B 230 -9.27 5.25 10.57
N ASP B 231 -9.62 5.06 9.31
CA ASP B 231 -10.95 4.58 8.98
C ASP B 231 -11.10 3.09 9.30
N GLN B 232 -9.98 2.40 9.49
CA GLN B 232 -9.97 0.96 9.79
C GLN B 232 -10.76 0.64 11.06
N LEU B 233 -10.42 1.28 12.18
CA LEU B 233 -11.17 1.09 13.42
C LEU B 233 -12.66 1.43 13.25
N VAL B 234 -12.96 2.47 12.47
CA VAL B 234 -14.34 2.83 12.19
C VAL B 234 -15.07 1.66 11.50
N GLU B 235 -14.42 1.10 10.48
CA GLU B 235 -15.00 -0.03 9.77
C GLU B 235 -15.21 -1.21 10.71
N ILE B 236 -14.24 -1.46 11.58
CA ILE B 236 -14.37 -2.50 12.59
C ILE B 236 -15.57 -2.23 13.52
N ILE B 237 -15.67 -1.00 14.04
CA ILE B 237 -16.74 -0.60 14.98
C ILE B 237 -18.17 -0.70 14.39
N LYS B 238 -18.29 -0.53 13.07
CA LYS B 238 -19.58 -0.69 12.38
C LYS B 238 -20.14 -2.10 12.56
N VAL B 239 -19.25 -3.07 12.77
CA VAL B 239 -19.63 -4.45 12.94
C VAL B 239 -19.59 -4.88 14.41
N LEU B 240 -18.45 -4.69 15.06
CA LEU B 240 -18.27 -5.19 16.43
C LEU B 240 -18.74 -4.20 17.48
N GLY B 241 -19.01 -2.96 17.06
CA GLY B 241 -19.42 -1.93 17.98
C GLY B 241 -18.22 -1.37 18.72
N THR B 242 -18.38 -0.23 19.35
CA THR B 242 -17.27 0.44 20.01
C THR B 242 -16.65 -0.52 21.05
N PRO B 243 -15.32 -0.65 21.02
CA PRO B 243 -14.64 -1.44 22.04
C PRO B 243 -14.86 -0.78 23.39
N THR B 244 -15.12 -1.63 24.36
CA THR B 244 -15.31 -1.28 25.77
C THR B 244 -13.98 -0.84 26.41
N ARG B 245 -14.03 -0.20 27.57
CA ARG B 245 -12.81 0.24 28.27
C ARG B 245 -11.88 -0.92 28.64
N GLU B 246 -12.45 -2.00 29.18
CA GLU B 246 -11.68 -3.21 29.47
C GLU B 246 -11.11 -3.84 28.20
N GLN B 247 -11.88 -3.81 27.10
CA GLN B 247 -11.39 -4.32 25.82
C GLN B 247 -10.18 -3.50 25.33
N ILE B 248 -10.26 -2.18 25.41
CA ILE B 248 -9.14 -1.31 25.04
C ILE B 248 -7.93 -1.59 25.93
N ARG B 249 -8.19 -1.84 27.20
CA ARG B 249 -7.15 -2.23 28.15
C ARG B 249 -6.52 -3.58 27.76
N GLU B 250 -7.35 -4.53 27.37
CA GLU B 250 -6.89 -5.86 26.98
C GLU B 250 -6.12 -5.75 25.67
N MET B 251 -6.54 -4.80 24.85
CA MET B 251 -5.88 -4.54 23.57
C MET B 251 -4.52 -3.88 23.77
N ASN B 252 -4.47 -2.92 24.69
CA ASN B 252 -3.28 -2.12 24.96
C ASN B 252 -3.45 -1.35 26.27
N PRO B 253 -2.78 -1.78 27.34
CA PRO B 253 -2.88 -1.11 28.65
C PRO B 253 -2.25 0.29 28.65
N ASN B 254 -1.51 0.63 27.58
CA ASN B 254 -0.86 1.94 27.47
C ASN B 254 -1.78 3.02 26.85
N TYR B 255 -2.71 2.60 26.01
CA TYR B 255 -3.64 3.53 25.39
C TYR B 255 -4.59 4.20 26.42
N THR B 256 -4.47 5.51 26.57
CA THR B 256 -5.29 6.24 27.53
C THR B 256 -6.39 7.09 26.87
N PRO B 261 -17.71 7.92 22.05
CA PRO B 261 -18.41 7.71 20.77
C PRO B 261 -19.05 6.32 20.69
N GLN B 262 -19.88 6.00 21.69
CA GLN B 262 -20.43 4.65 21.85
C GLN B 262 -21.43 4.22 20.77
N ILE B 263 -21.06 3.15 20.06
CA ILE B 263 -21.88 2.59 18.98
C ILE B 263 -22.17 1.12 19.27
N LYS B 264 -23.45 0.73 19.12
CA LYS B 264 -23.89 -0.63 19.37
C LYS B 264 -23.35 -1.62 18.34
N ALA B 265 -22.97 -2.80 18.82
CA ALA B 265 -22.54 -3.90 17.96
C ALA B 265 -23.72 -4.39 17.12
N HIS B 266 -23.43 -4.78 15.88
CA HIS B 266 -24.43 -5.36 14.98
C HIS B 266 -24.39 -6.88 15.15
N PRO B 267 -25.53 -7.50 15.47
CA PRO B 267 -25.60 -8.96 15.66
C PRO B 267 -24.94 -9.72 14.51
N TRP B 268 -24.24 -10.80 14.86
CA TRP B 268 -23.44 -11.55 13.92
C TRP B 268 -24.23 -12.21 12.79
N THR B 269 -25.51 -12.49 13.03
CA THR B 269 -26.37 -13.08 11.99
C THR B 269 -26.84 -12.06 10.93
N LYS B 270 -26.94 -10.79 11.31
CA LYS B 270 -27.32 -9.74 10.36
C LYS B 270 -26.14 -9.24 9.50
N VAL B 271 -24.92 -9.63 9.89
CA VAL B 271 -23.68 -9.31 9.15
C VAL B 271 -23.54 -10.14 7.88
N PHE B 272 -23.79 -11.44 7.98
CA PHE B 272 -23.64 -12.35 6.84
C PHE B 272 -24.96 -12.60 6.11
N ARG B 273 -24.86 -13.05 4.86
CA ARG B 273 -26.04 -13.34 4.04
C ARG B 273 -26.89 -14.42 4.68
N PRO B 274 -28.21 -14.39 4.41
CA PRO B 274 -29.15 -15.31 5.07
C PRO B 274 -28.73 -16.78 5.13
N ARG B 275 -28.16 -17.33 4.06
CA ARG B 275 -27.86 -18.76 4.02
C ARG B 275 -26.45 -19.18 4.50
N THR B 276 -25.78 -18.28 5.23
CA THR B 276 -24.46 -18.54 5.81
C THR B 276 -24.58 -19.56 6.93
N PRO B 277 -23.72 -20.59 6.93
CA PRO B 277 -23.78 -21.63 7.98
C PRO B 277 -23.53 -21.04 9.36
N PRO B 278 -24.44 -21.28 10.30
CA PRO B 278 -24.32 -20.74 11.66
C PRO B 278 -22.96 -21.04 12.28
N GLU B 279 -22.42 -22.24 12.01
CA GLU B 279 -21.14 -22.66 12.56
C GLU B 279 -19.99 -21.79 12.04
N ALA B 280 -20.11 -21.32 10.80
CA ALA B 280 -19.16 -20.41 10.19
C ALA B 280 -19.17 -19.06 10.91
N ILE B 281 -20.37 -18.57 11.22
CA ILE B 281 -20.55 -17.29 11.90
C ILE B 281 -19.98 -17.38 13.32
N ALA B 282 -20.22 -18.52 13.98
CA ALA B 282 -19.76 -18.76 15.35
C ALA B 282 -18.25 -18.78 15.43
N LEU B 283 -17.61 -19.54 14.53
CA LEU B 283 -16.16 -19.55 14.43
C LEU B 283 -15.66 -18.11 14.27
N CYS B 284 -16.23 -17.42 13.29
CA CYS B 284 -15.87 -16.04 12.97
C CYS B 284 -15.97 -15.15 14.21
N SER B 285 -17.04 -15.34 14.98
CA SER B 285 -17.25 -14.58 16.21
C SER B 285 -16.20 -14.87 17.29
N ARG B 286 -15.55 -16.04 17.19
CA ARG B 286 -14.50 -16.42 18.12
C ARG B 286 -13.10 -16.03 17.64
N LEU B 287 -13.04 -15.46 16.43
CA LEU B 287 -11.77 -15.00 15.85
C LEU B 287 -11.68 -13.49 15.88
N LEU B 288 -12.75 -12.84 15.43
CA LEU B 288 -12.81 -11.39 15.37
C LEU B 288 -13.31 -10.83 16.73
N GLU B 289 -12.44 -10.93 17.73
CA GLU B 289 -12.70 -10.39 19.06
C GLU B 289 -11.67 -9.30 19.37
N TYR B 290 -12.09 -8.24 20.04
CA TYR B 290 -11.19 -7.16 20.41
C TYR B 290 -10.12 -7.69 21.35
N THR B 291 -10.56 -8.41 22.39
CA THR B 291 -9.68 -8.99 23.38
C THR B 291 -8.80 -10.08 22.78
N PRO B 292 -7.52 -9.81 22.57
CA PRO B 292 -6.64 -10.74 21.85
C PRO B 292 -6.58 -12.17 22.44
N THR B 293 -6.73 -12.30 23.76
CA THR B 293 -6.68 -13.60 24.44
C THR B 293 -8.01 -14.35 24.39
N ALA B 294 -9.08 -13.63 24.02
CA ALA B 294 -10.39 -14.26 23.85
C ALA B 294 -10.49 -15.04 22.52
N ARG B 295 -9.66 -14.68 21.54
CA ARG B 295 -9.63 -15.35 20.23
C ARG B 295 -9.13 -16.78 20.33
N LEU B 296 -9.73 -17.66 19.54
CA LEU B 296 -9.26 -19.04 19.46
C LEU B 296 -7.80 -19.07 19.08
N THR B 297 -7.10 -20.12 19.52
CA THR B 297 -5.79 -20.44 18.98
C THR B 297 -6.04 -21.13 17.62
N PRO B 298 -5.06 -21.12 16.73
CA PRO B 298 -5.20 -21.78 15.41
C PRO B 298 -5.57 -23.25 15.56
N LEU B 299 -4.90 -23.94 16.47
CA LEU B 299 -5.23 -25.33 16.77
C LEU B 299 -6.67 -25.48 17.24
N GLU B 300 -7.14 -24.58 18.10
CA GLU B 300 -8.53 -24.62 18.57
C GLU B 300 -9.50 -24.33 17.43
N ALA B 301 -9.07 -23.49 16.49
CA ALA B 301 -9.89 -23.15 15.35
C ALA B 301 -10.06 -24.41 14.51
N CYS B 302 -8.94 -25.06 14.16
CA CYS B 302 -8.96 -26.34 13.45
C CYS B 302 -9.98 -27.32 14.05
N ALA B 303 -10.07 -27.35 15.38
CA ALA B 303 -10.97 -28.26 16.10
C ALA B 303 -12.43 -27.77 16.18
N HIS B 304 -12.71 -26.61 15.60
CA HIS B 304 -14.06 -26.04 15.58
C HIS B 304 -15.03 -26.90 14.80
N SER B 305 -16.31 -26.86 15.17
CA SER B 305 -17.34 -27.68 14.50
C SER B 305 -17.57 -27.31 13.03
N PHE B 306 -17.31 -26.06 12.67
CA PHE B 306 -17.40 -25.62 11.28
C PHE B 306 -16.58 -26.52 10.32
N PHE B 307 -15.51 -27.12 10.84
CA PHE B 307 -14.67 -28.01 10.02
C PHE B 307 -15.01 -29.49 10.13
N ASP B 308 -16.11 -29.84 10.81
CA ASP B 308 -16.49 -31.23 11.02
C ASP B 308 -16.62 -32.02 9.70
N GLU B 309 -17.15 -31.38 8.67
CA GLU B 309 -17.27 -32.00 7.35
C GLU B 309 -15.92 -32.52 6.85
N LEU B 310 -14.84 -31.80 7.19
CA LEU B 310 -13.49 -32.22 6.83
C LEU B 310 -13.02 -33.49 7.55
N ARG B 311 -13.63 -33.81 8.68
CA ARG B 311 -13.26 -34.97 9.47
C ARG B 311 -14.17 -36.17 9.19
N ASP B 312 -15.03 -35.98 8.18
CA ASP B 312 -15.91 -37.01 7.68
C ASP B 312 -15.11 -37.92 6.76
N PRO B 313 -15.21 -39.24 6.98
CA PRO B 313 -14.54 -40.23 6.12
C PRO B 313 -15.02 -40.20 4.67
N ASN B 314 -16.26 -39.78 4.45
CA ASN B 314 -16.87 -39.76 3.13
C ASN B 314 -16.70 -38.44 2.36
N VAL B 315 -15.96 -37.49 2.95
CA VAL B 315 -15.78 -36.17 2.35
C VAL B 315 -14.84 -36.26 1.16
N LYS B 316 -15.15 -35.51 0.11
CA LYS B 316 -14.33 -35.48 -1.08
C LYS B 316 -14.29 -34.07 -1.64
N LEU B 317 -13.31 -33.83 -2.50
CA LEU B 317 -13.26 -32.61 -3.28
C LEU B 317 -14.37 -32.69 -4.34
N PRO B 318 -14.86 -31.54 -4.81
CA PRO B 318 -15.86 -31.50 -5.89
C PRO B 318 -15.43 -32.18 -7.20
N ASN B 319 -14.14 -32.18 -7.52
CA ASN B 319 -13.65 -32.85 -8.73
C ASN B 319 -13.46 -34.36 -8.56
N GLY B 320 -14.00 -34.91 -7.47
CA GLY B 320 -13.99 -36.34 -7.20
C GLY B 320 -12.85 -36.83 -6.31
N ARG B 321 -11.70 -36.18 -6.42
CA ARG B 321 -10.48 -36.52 -5.68
C ARG B 321 -10.68 -36.57 -4.16
N ASP B 322 -9.77 -37.26 -3.48
CA ASP B 322 -9.68 -37.20 -2.01
C ASP B 322 -9.23 -35.81 -1.58
N THR B 323 -9.51 -35.47 -0.33
CA THR B 323 -8.99 -34.23 0.24
C THR B 323 -7.48 -34.36 0.43
N PRO B 324 -6.77 -33.23 0.45
CA PRO B 324 -5.33 -33.24 0.71
C PRO B 324 -5.02 -33.64 2.16
N ALA B 325 -3.73 -33.70 2.51
CA ALA B 325 -3.30 -34.02 3.86
C ALA B 325 -3.93 -33.07 4.86
N LEU B 326 -4.76 -33.60 5.77
CA LEU B 326 -5.45 -32.76 6.74
C LEU B 326 -5.15 -33.09 8.21
N PHE B 327 -4.79 -34.35 8.47
CA PHE B 327 -4.66 -34.88 9.83
C PHE B 327 -3.29 -35.47 10.14
N ASN B 328 -2.33 -35.21 9.26
CA ASN B 328 -0.95 -35.65 9.50
C ASN B 328 -0.21 -34.70 10.47
N PHE B 329 -0.81 -34.48 11.64
CA PHE B 329 -0.26 -33.56 12.64
C PHE B 329 1.03 -34.10 13.27
N THR B 330 2.04 -33.24 13.40
CA THR B 330 3.28 -33.64 14.05
C THR B 330 3.27 -33.13 15.49
N THR B 331 4.03 -33.80 16.34
CA THR B 331 4.23 -33.38 17.73
C THR B 331 4.42 -31.85 17.87
N GLN B 332 5.35 -31.30 17.08
CA GLN B 332 5.60 -29.86 17.05
C GLN B 332 4.29 -29.08 16.87
N GLU B 333 3.54 -29.44 15.84
CA GLU B 333 2.26 -28.78 15.51
C GLU B 333 1.24 -28.86 16.64
N LEU B 334 1.29 -29.95 17.41
CA LEU B 334 0.33 -30.19 18.50
C LEU B 334 0.81 -29.71 19.87
N SER B 335 2.06 -29.27 19.92
CA SER B 335 2.71 -28.88 21.18
C SER B 335 1.93 -27.90 22.07
N SER B 336 1.16 -26.99 21.46
CA SER B 336 0.40 -26.00 22.26
C SER B 336 -0.85 -26.56 22.98
N ASN B 337 -1.27 -27.75 22.57
CA ASN B 337 -2.47 -28.38 23.13
C ASN B 337 -2.59 -29.81 22.65
N PRO B 338 -1.72 -30.70 23.14
CA PRO B 338 -1.71 -32.10 22.71
C PRO B 338 -3.05 -32.86 22.84
N PRO B 339 -3.83 -32.72 23.93
CA PRO B 339 -5.16 -33.34 24.01
C PRO B 339 -6.07 -33.10 22.78
N LEU B 340 -5.95 -31.95 22.12
CA LEU B 340 -6.75 -31.67 20.92
C LEU B 340 -6.59 -32.73 19.83
N ALA B 341 -5.43 -33.37 19.76
CA ALA B 341 -5.20 -34.50 18.84
C ALA B 341 -6.42 -35.41 18.71
N THR B 342 -7.16 -35.57 19.81
CA THR B 342 -8.36 -36.40 19.85
C THR B 342 -9.48 -35.91 18.93
N ILE B 343 -9.70 -34.60 18.89
CA ILE B 343 -10.70 -34.04 17.98
C ILE B 343 -10.10 -33.92 16.58
N LEU B 344 -8.81 -33.56 16.53
CA LEU B 344 -8.14 -33.23 15.28
C LEU B 344 -7.89 -34.41 14.35
N ILE B 345 -7.39 -35.51 14.92
CA ILE B 345 -7.17 -36.73 14.17
C ILE B 345 -8.33 -37.68 14.44
N PRO B 346 -9.24 -37.82 13.48
CA PRO B 346 -10.41 -38.69 13.66
C PRO B 346 -10.04 -40.18 13.52
N PRO B 347 -10.72 -41.07 14.25
CA PRO B 347 -10.41 -42.50 14.25
C PRO B 347 -10.00 -43.09 12.90
N HIS B 348 -10.74 -42.78 11.84
CA HIS B 348 -10.45 -43.32 10.51
C HIS B 348 -9.11 -42.89 9.91
N ALA B 349 -8.39 -42.01 10.62
CA ALA B 349 -7.15 -41.42 10.11
C ALA B 349 -5.90 -41.80 10.90
N ARG B 350 -6.03 -42.73 11.85
CA ARG B 350 -4.91 -43.14 12.68
C ARG B 350 -4.33 -44.48 12.22
C8 34O C . -5.08 18.74 6.14
C10 34O C . 0.40 16.54 5.28
C6 34O C . -2.88 19.20 5.79
C5 34O C . -3.06 17.75 5.80
C4 34O C . -1.99 16.89 5.64
C1 34O C . -1.64 19.76 5.59
C2 34O C . -0.56 18.87 5.44
C3 34O C . -0.74 17.48 5.47
F25 34O C . -3.57 12.75 6.68
C19 34O C . -2.89 12.93 5.53
C20 34O C . -3.53 13.59 4.32
O23 34O C . -4.83 14.06 4.31
C24 34O C . -5.40 14.79 5.41
C21 34O C . -2.75 13.72 3.16
C22 34O C . -1.44 13.27 3.14
C18 34O C . -1.58 12.49 5.43
C17 34O C . -0.85 12.65 4.25
C16 34O C . 0.60 12.17 4.15
S15 34O C . 1.83 13.05 5.11
C12 34O C . 1.51 14.66 5.11
N13 34O C . 2.33 15.60 4.88
N14 34O C . 1.61 16.82 4.99
O11 34O C . 0.18 15.13 5.40
O7 34O C . -4.09 19.78 5.97
O9 34O C . -4.38 17.49 6.00
C8 34O D . 3.56 -18.74 -7.32
C10 34O D . 6.11 -16.14 -2.64
C6 34O D . 4.68 -19.03 -5.38
C5 34O D . 4.47 -17.62 -5.59
C4 34O D . 4.94 -16.67 -4.71
C1 34O D . 5.37 -19.51 -4.28
C2 34O D . 5.84 -18.54 -3.38
C3 34O D . 5.62 -17.17 -3.59
F25 34O D . 3.84 -13.27 -6.66
C19 34O D . 3.65 -13.16 -5.33
C20 34O D . 2.46 -13.74 -4.62
O23 34O D . 1.44 -14.42 -5.28
C24 34O D . 1.63 -15.45 -6.25
C21 34O D . 2.35 -13.57 -3.24
C22 34O D . 3.34 -12.87 -2.53
C18 34O D . 4.61 -12.48 -4.57
C17 34O D . 4.47 -12.35 -3.18
C16 34O D . 5.53 -11.59 -2.39
S15 34O D . 6.68 -12.56 -1.45
C12 34O D . 6.55 -14.19 -1.73
N13 34O D . 6.89 -15.09 -0.91
N14 34O D . 6.59 -16.34 -1.50
O11 34O D . 6.01 -14.74 -2.95
O7 34O D . 4.11 -19.70 -6.41
O9 34O D . 3.78 -17.45 -6.75
#